data_6Z67
#
_entry.id   6Z67
#
_cell.length_a   33.068
_cell.length_b   117.901
_cell.length_c   81.484
_cell.angle_alpha   90.000
_cell.angle_beta   98.110
_cell.angle_gamma   90.000
#
_symmetry.space_group_name_H-M   'P 1 21 1'
#
loop_
_entity.id
_entity.type
_entity.pdbx_description
1 polymer 'Cell division ATP-binding protein FtsE'
2 non-polymer "ADENOSINE-5'-DIPHOSPHATE"
3 non-polymer 'PHOSPHOAMINOPHOSPHONIC ACID-ADENYLATE ESTER'
4 water water
#
_entity_poly.entity_id   1
_entity_poly.type   'polypeptide(L)'
_entity_poly.pdbx_seq_one_letter_code
;GSIIEMRDVVKKYDNGTTALRGVSVSVQPGEFAYIVGPSGAGKSTFIRSLYREVKIDKGSLSVAGFNLVKIKKKDVPLLR
RSVGVVFQDYKLLPKKTVYENIAYAMEVIGENRRNIKRRVMEVLDLVGLKHKVRSFPNELSGGEQQRIAIARAIVNNPKV
LIADEPTGNLDPDNSWEIMNLLERINLQGTTILMATHNSQIVNTLRHRVIAIENGRVVRDESKGEYGYDD
;
_entity_poly.pdbx_strand_id   C,B,E
#
# COMPACT_ATOMS: atom_id res chain seq x y z
N GLY A 1 -21.01 8.68 -35.85
CA GLY A 1 -20.10 9.54 -35.12
C GLY A 1 -19.31 8.81 -34.06
N SER A 2 -18.51 9.56 -33.32
CA SER A 2 -17.71 8.98 -32.24
C SER A 2 -18.61 8.50 -31.11
N ILE A 3 -18.26 7.35 -30.53
CA ILE A 3 -19.01 6.85 -29.38
C ILE A 3 -18.52 7.46 -28.08
N ILE A 4 -17.25 7.86 -28.01
CA ILE A 4 -16.69 8.59 -26.89
C ILE A 4 -16.02 9.84 -27.45
N GLU A 5 -16.45 11.01 -26.99
CA GLU A 5 -15.86 12.28 -27.41
C GLU A 5 -15.52 13.08 -26.16
N MET A 6 -14.23 13.27 -25.92
CA MET A 6 -13.73 14.02 -24.76
C MET A 6 -12.87 15.16 -25.29
N ARG A 7 -13.26 16.37 -24.94
CA ARG A 7 -12.49 17.55 -25.40
C ARG A 7 -12.15 18.47 -24.24
N ASP A 8 -10.86 18.73 -24.06
CA ASP A 8 -10.37 19.67 -23.05
C ASP A 8 -11.00 19.41 -21.69
N VAL A 9 -11.07 18.14 -21.31
CA VAL A 9 -11.72 17.76 -20.06
C VAL A 9 -10.77 18.02 -18.91
N VAL A 10 -11.21 18.84 -17.95
CA VAL A 10 -10.47 19.16 -16.74
C VAL A 10 -11.21 18.54 -15.58
N LYS A 11 -10.47 17.84 -14.72
CA LYS A 11 -11.02 17.31 -13.47
C LYS A 11 -10.13 17.73 -12.32
N LYS A 12 -10.66 18.59 -11.46
CA LYS A 12 -9.98 19.08 -10.26
C LYS A 12 -10.69 18.50 -9.04
N TYR A 13 -9.96 17.79 -8.20
CA TYR A 13 -10.51 17.34 -6.93
C TYR A 13 -10.43 18.46 -5.90
N ASP A 14 -11.33 18.41 -4.92
CA ASP A 14 -11.53 19.54 -4.02
C ASP A 14 -10.27 19.91 -3.24
N ASN A 15 -9.30 19.01 -3.14
CA ASN A 15 -8.05 19.32 -2.46
C ASN A 15 -7.07 20.08 -3.34
N GLY A 16 -7.54 20.66 -4.45
CA GLY A 16 -6.69 21.39 -5.37
C GLY A 16 -6.00 20.55 -6.42
N THR A 17 -5.92 19.23 -6.21
CA THR A 17 -5.27 18.36 -7.18
C THR A 17 -6.07 18.32 -8.48
N THR A 18 -5.38 18.50 -9.60
CA THR A 18 -5.99 18.47 -10.93
C THR A 18 -5.60 17.15 -11.59
N ALA A 19 -6.53 16.20 -11.59
CA ALA A 19 -6.24 14.85 -12.09
C ALA A 19 -6.19 14.81 -13.60
N LEU A 20 -7.07 15.56 -14.27
CA LEU A 20 -7.08 15.68 -15.73
C LEU A 20 -6.89 17.15 -16.09
N ARG A 21 -5.90 17.43 -16.92
CA ARG A 21 -5.59 18.80 -17.33
C ARG A 21 -5.83 18.92 -18.83
N GLY A 22 -7.08 19.15 -19.20
CA GLY A 22 -7.45 19.31 -20.59
C GLY A 22 -7.11 18.11 -21.45
N VAL A 23 -7.84 17.02 -21.28
CA VAL A 23 -7.64 15.80 -22.04
C VAL A 23 -8.68 15.73 -23.15
N SER A 24 -8.26 15.29 -24.33
CA SER A 24 -9.15 15.15 -25.48
C SER A 24 -8.91 13.79 -26.13
N VAL A 25 -9.95 12.97 -26.17
CA VAL A 25 -9.87 11.64 -26.78
C VAL A 25 -11.12 11.42 -27.61
N SER A 26 -10.93 10.85 -28.80
CA SER A 26 -12.04 10.52 -29.70
C SER A 26 -11.98 9.03 -29.99
N VAL A 27 -13.05 8.31 -29.65
CA VAL A 27 -13.11 6.86 -29.79
C VAL A 27 -14.30 6.53 -30.69
N GLN A 28 -14.04 5.86 -31.81
CA GLN A 28 -15.08 5.39 -32.68
C GLN A 28 -15.71 4.12 -32.13
N PRO A 29 -16.92 3.79 -32.58
CA PRO A 29 -17.54 2.53 -32.12
C PRO A 29 -16.73 1.32 -32.56
N GLY A 30 -16.66 0.33 -31.68
CA GLY A 30 -15.91 -0.87 -31.95
C GLY A 30 -14.43 -0.80 -31.69
N GLU A 31 -13.92 0.36 -31.26
CA GLU A 31 -12.50 0.48 -30.99
C GLU A 31 -12.11 -0.28 -29.72
N PHE A 32 -10.87 -0.75 -29.70
CA PHE A 32 -10.26 -1.40 -28.54
C PHE A 32 -9.02 -0.60 -28.18
N ALA A 33 -9.02 0.02 -27.01
CA ALA A 33 -7.95 0.93 -26.61
C ALA A 33 -7.44 0.58 -25.23
N TYR A 34 -6.11 0.58 -25.09
CA TYR A 34 -5.47 0.49 -23.78
C TYR A 34 -5.28 1.88 -23.21
N ILE A 35 -5.51 2.02 -21.91
CA ILE A 35 -5.22 3.25 -21.18
C ILE A 35 -4.04 2.95 -20.27
N VAL A 36 -2.85 3.39 -20.67
CA VAL A 36 -1.62 3.14 -19.93
C VAL A 36 -1.06 4.46 -19.41
N GLY A 37 -0.05 4.34 -18.56
CA GLY A 37 0.57 5.50 -17.97
C GLY A 37 1.04 5.23 -16.55
N PRO A 38 1.95 6.06 -16.05
CA PRO A 38 2.42 5.89 -14.67
C PRO A 38 1.28 6.10 -13.68
N SER A 39 1.35 5.38 -12.56
CA SER A 39 0.35 5.53 -11.52
C SER A 39 0.23 6.99 -11.12
N GLY A 40 -0.98 7.38 -10.73
CA GLY A 40 -1.26 8.77 -10.43
C GLY A 40 -1.42 9.66 -11.64
N ALA A 41 -1.20 9.13 -12.85
CA ALA A 41 -1.33 9.94 -14.06
C ALA A 41 -2.79 10.32 -14.33
N GLY A 42 -3.74 9.66 -13.68
CA GLY A 42 -5.14 9.92 -13.92
C GLY A 42 -5.84 8.91 -14.80
N LYS A 43 -5.32 7.69 -14.91
CA LYS A 43 -5.97 6.68 -15.73
C LYS A 43 -7.39 6.39 -15.25
N SER A 44 -7.53 6.14 -13.94
CA SER A 44 -8.83 5.75 -13.39
C SER A 44 -9.79 6.93 -13.29
N THR A 45 -9.29 8.14 -13.02
CA THR A 45 -10.14 9.31 -13.17
C THR A 45 -10.65 9.44 -14.59
N PHE A 46 -9.79 9.15 -15.56
CA PHE A 46 -10.20 9.18 -16.97
C PHE A 46 -11.36 8.23 -17.22
N ILE A 47 -11.23 6.97 -16.79
CA ILE A 47 -12.25 5.98 -17.09
C ILE A 47 -13.48 6.17 -16.20
N ARG A 48 -13.28 6.53 -14.93
CA ARG A 48 -14.41 6.77 -14.04
C ARG A 48 -15.30 7.89 -14.57
N SER A 49 -14.71 8.88 -15.24
CA SER A 49 -15.51 9.94 -15.85
C SER A 49 -16.38 9.41 -16.98
N LEU A 50 -16.00 8.28 -17.57
CA LEU A 50 -16.72 7.77 -18.74
C LEU A 50 -18.08 7.18 -18.38
N TYR A 51 -18.31 6.82 -17.12
CA TYR A 51 -19.64 6.39 -16.69
C TYR A 51 -20.20 7.31 -15.61
N ARG A 52 -19.80 8.59 -15.63
CA ARG A 52 -20.39 9.67 -14.85
C ARG A 52 -20.20 9.51 -13.35
N GLU A 53 -19.39 8.55 -12.90
CA GLU A 53 -18.99 8.54 -11.49
C GLU A 53 -18.22 9.81 -11.15
N VAL A 54 -17.23 10.13 -11.97
CA VAL A 54 -16.50 11.39 -11.87
C VAL A 54 -17.20 12.42 -12.76
N LYS A 55 -17.51 13.58 -12.21
CA LYS A 55 -18.07 14.68 -12.96
C LYS A 55 -16.97 15.66 -13.31
N ILE A 56 -16.83 15.97 -14.60
CA ILE A 56 -15.78 16.87 -15.06
C ILE A 56 -16.17 18.30 -14.73
N ASP A 57 -15.14 19.14 -14.56
CA ASP A 57 -15.34 20.55 -14.21
C ASP A 57 -15.28 21.47 -15.41
N LYS A 58 -14.57 21.09 -16.47
CA LYS A 58 -14.46 21.90 -17.66
C LYS A 58 -14.20 20.99 -18.86
N GLY A 59 -14.66 21.44 -20.02
CA GLY A 59 -14.57 20.66 -21.24
C GLY A 59 -15.89 19.99 -21.58
N SER A 60 -15.87 19.21 -22.65
CA SER A 60 -17.03 18.49 -23.12
C SER A 60 -16.77 16.99 -23.08
N LEU A 61 -17.81 16.23 -22.75
CA LEU A 61 -17.71 14.78 -22.68
C LEU A 61 -19.03 14.16 -23.07
N SER A 62 -19.00 13.26 -24.04
CA SER A 62 -20.19 12.53 -24.47
C SER A 62 -19.84 11.05 -24.61
N VAL A 63 -20.68 10.19 -24.07
CA VAL A 63 -20.44 8.75 -24.08
C VAL A 63 -21.74 8.06 -24.45
N ALA A 64 -21.73 7.32 -25.57
CA ALA A 64 -22.90 6.58 -26.03
C ALA A 64 -24.09 7.52 -26.26
N GLY A 65 -23.81 8.71 -26.79
CA GLY A 65 -24.82 9.69 -27.06
C GLY A 65 -25.18 10.59 -25.89
N PHE A 66 -24.81 10.22 -24.67
CA PHE A 66 -25.11 11.02 -23.49
C PHE A 66 -24.08 12.14 -23.34
N ASN A 67 -24.56 13.37 -23.17
CA ASN A 67 -23.71 14.46 -22.71
C ASN A 67 -23.52 14.30 -21.20
N LEU A 68 -22.31 13.90 -20.79
CA LEU A 68 -22.08 13.56 -19.39
C LEU A 68 -22.05 14.78 -18.49
N VAL A 69 -21.82 15.98 -19.04
CA VAL A 69 -21.88 17.19 -18.22
C VAL A 69 -23.33 17.49 -17.85
N LYS A 70 -24.23 17.41 -18.83
CA LYS A 70 -25.62 17.79 -18.63
C LYS A 70 -26.52 16.62 -18.24
N ILE A 71 -26.02 15.39 -18.25
CA ILE A 71 -26.87 14.26 -17.91
C ILE A 71 -27.38 14.41 -16.49
N LYS A 72 -28.66 14.12 -16.30
CA LYS A 72 -29.25 14.18 -14.98
C LYS A 72 -29.00 12.88 -14.23
N LYS A 73 -28.62 13.01 -12.94
CA LYS A 73 -28.28 11.83 -12.15
C LYS A 73 -29.35 10.77 -12.22
N LYS A 74 -30.61 11.19 -12.42
CA LYS A 74 -31.75 10.25 -12.52
C LYS A 74 -31.63 9.41 -13.81
N ASP A 75 -30.77 9.83 -14.73
CA ASP A 75 -30.57 9.12 -15.99
C ASP A 75 -29.27 8.34 -16.05
N VAL A 76 -28.40 8.50 -15.05
CA VAL A 76 -27.12 7.78 -15.06
C VAL A 76 -27.33 6.27 -15.18
N PRO A 77 -28.28 5.66 -14.47
CA PRO A 77 -28.54 4.22 -14.69
C PRO A 77 -28.78 3.88 -16.16
N LEU A 78 -29.50 4.74 -16.90
CA LEU A 78 -29.66 4.52 -18.33
C LEU A 78 -28.32 4.58 -19.04
N LEU A 79 -27.43 5.48 -18.59
CA LEU A 79 -26.08 5.52 -19.14
C LEU A 79 -25.34 4.21 -18.88
N ARG A 80 -25.43 3.71 -17.64
CA ARG A 80 -24.75 2.46 -17.30
C ARG A 80 -25.27 1.30 -18.15
N ARG A 81 -26.51 1.39 -18.62
CA ARG A 81 -27.05 0.31 -19.46
C ARG A 81 -26.31 0.20 -20.78
N SER A 82 -25.71 1.29 -21.25
CA SER A 82 -24.88 1.27 -22.45
C SER A 82 -23.38 1.24 -22.13
N VAL A 83 -23.01 1.36 -20.86
CA VAL A 83 -21.61 1.45 -20.45
C VAL A 83 -21.41 0.45 -19.32
N GLY A 84 -20.97 -0.76 -19.66
CA GLY A 84 -20.62 -1.74 -18.64
C GLY A 84 -19.23 -1.49 -18.07
N VAL A 85 -19.03 -1.93 -16.84
CA VAL A 85 -17.81 -1.65 -16.09
C VAL A 85 -17.30 -2.95 -15.47
N VAL A 86 -16.07 -3.33 -15.81
CA VAL A 86 -15.39 -4.46 -15.20
C VAL A 86 -14.29 -3.91 -14.28
N PHE A 87 -14.05 -4.61 -13.18
CA PHE A 87 -13.14 -4.15 -12.15
C PHE A 87 -11.96 -5.10 -11.98
N GLN A 88 -10.92 -4.58 -11.34
CA GLN A 88 -9.84 -5.44 -10.84
C GLN A 88 -10.36 -6.42 -9.81
N ASP A 89 -11.07 -5.91 -8.79
CA ASP A 89 -11.59 -6.71 -7.70
C ASP A 89 -12.93 -7.31 -8.11
N TYR A 90 -12.86 -8.38 -8.91
CA TYR A 90 -14.08 -9.08 -9.27
C TYR A 90 -14.78 -9.58 -8.02
N LYS A 91 -16.05 -9.24 -7.88
CA LYS A 91 -16.82 -9.54 -6.67
C LYS A 91 -18.24 -9.93 -7.07
N LEU A 92 -18.50 -11.23 -7.06
CA LEU A 92 -19.83 -11.74 -7.33
C LEU A 92 -20.60 -11.93 -6.01
N LEU A 93 -21.90 -12.12 -6.13
CA LEU A 93 -22.75 -12.33 -4.97
C LEU A 93 -22.63 -13.78 -4.52
N PRO A 94 -22.23 -14.05 -3.28
CA PRO A 94 -21.73 -15.40 -2.93
C PRO A 94 -22.81 -16.44 -2.74
N LYS A 95 -24.01 -16.02 -2.34
CA LYS A 95 -25.12 -16.96 -2.13
C LYS A 95 -26.03 -17.05 -3.36
N LYS A 96 -25.56 -16.57 -4.51
CA LYS A 96 -26.30 -16.65 -5.76
C LYS A 96 -25.55 -17.52 -6.75
N THR A 97 -26.31 -18.34 -7.48
CA THR A 97 -25.70 -19.16 -8.52
C THR A 97 -25.11 -18.27 -9.62
N VAL A 98 -24.21 -18.86 -10.41
CA VAL A 98 -23.66 -18.15 -11.56
C VAL A 98 -24.79 -17.59 -12.42
N TYR A 99 -25.81 -18.40 -12.65
CA TYR A 99 -26.96 -17.95 -13.44
C TYR A 99 -27.59 -16.71 -12.83
N GLU A 100 -27.78 -16.71 -11.51
CA GLU A 100 -28.45 -15.58 -10.86
C GLU A 100 -27.56 -14.34 -10.86
N ASN A 101 -26.24 -14.51 -10.71
CA ASN A 101 -25.33 -13.38 -10.80
C ASN A 101 -25.45 -12.69 -12.15
N ILE A 102 -25.63 -13.46 -13.21
CA ILE A 102 -25.76 -12.88 -14.54
C ILE A 102 -27.17 -12.35 -14.77
N ALA A 103 -28.18 -13.07 -14.30
CA ALA A 103 -29.56 -12.71 -14.58
C ALA A 103 -30.02 -11.46 -13.84
N TYR A 104 -29.32 -11.08 -12.77
CA TYR A 104 -29.80 -9.97 -11.95
C TYR A 104 -29.88 -8.67 -12.74
N ALA A 105 -28.83 -8.36 -13.50
CA ALA A 105 -28.81 -7.11 -14.26
C ALA A 105 -29.93 -7.02 -15.27
N MET A 106 -30.46 -8.16 -15.73
CA MET A 106 -31.61 -8.15 -16.63
C MET A 106 -32.92 -8.07 -15.87
N GLU A 107 -33.01 -8.74 -14.72
CA GLU A 107 -34.21 -8.62 -13.89
C GLU A 107 -34.42 -7.18 -13.45
N VAL A 108 -33.34 -6.46 -13.16
CA VAL A 108 -33.45 -5.07 -12.72
C VAL A 108 -34.24 -4.25 -13.73
N ILE A 109 -33.89 -4.36 -15.01
CA ILE A 109 -34.48 -3.54 -16.05
C ILE A 109 -35.78 -4.15 -16.54
N GLY A 110 -36.19 -5.23 -15.88
CA GLY A 110 -37.49 -5.82 -16.14
C GLY A 110 -37.59 -6.64 -17.41
N GLU A 111 -36.54 -7.38 -17.76
CA GLU A 111 -36.60 -8.25 -18.94
C GLU A 111 -37.48 -9.46 -18.66
N ASN A 112 -38.19 -9.92 -19.69
CA ASN A 112 -39.13 -11.01 -19.52
C ASN A 112 -38.41 -12.36 -19.46
N ARG A 113 -39.11 -13.35 -18.91
CA ARG A 113 -38.62 -14.72 -18.81
C ARG A 113 -37.84 -15.14 -20.04
N ARG A 114 -38.46 -14.95 -21.20
CA ARG A 114 -37.93 -15.38 -22.52
C ARG A 114 -36.50 -14.87 -22.81
N ASN A 115 -36.24 -13.57 -22.65
CA ASN A 115 -34.96 -13.01 -23.04
C ASN A 115 -33.90 -13.27 -21.98
N ILE A 116 -34.31 -13.47 -20.72
CA ILE A 116 -33.35 -13.60 -19.64
C ILE A 116 -32.60 -14.92 -19.73
N LYS A 117 -33.34 -16.04 -19.68
CA LYS A 117 -32.67 -17.33 -19.75
C LYS A 117 -31.99 -17.55 -21.09
N ARG A 118 -32.53 -16.97 -22.16
CA ARG A 118 -31.84 -17.03 -23.45
C ARG A 118 -30.54 -16.24 -23.40
N ARG A 119 -30.60 -14.99 -22.94
CA ARG A 119 -29.42 -14.15 -22.92
C ARG A 119 -28.36 -14.67 -21.96
N VAL A 120 -28.79 -15.21 -20.81
CA VAL A 120 -27.82 -15.71 -19.82
C VAL A 120 -27.06 -16.90 -20.39
N MET A 121 -27.78 -17.84 -21.01
CA MET A 121 -27.11 -18.99 -21.61
C MET A 121 -26.18 -18.56 -22.74
N GLU A 122 -26.54 -17.50 -23.46
CA GLU A 122 -25.69 -17.02 -24.55
C GLU A 122 -24.37 -16.49 -24.01
N VAL A 123 -24.43 -15.61 -23.01
CA VAL A 123 -23.20 -15.02 -22.47
C VAL A 123 -22.39 -16.07 -21.70
N LEU A 124 -23.06 -17.08 -21.12
CA LEU A 124 -22.33 -18.16 -20.49
C LEU A 124 -21.56 -18.97 -21.51
N ASP A 125 -22.15 -19.19 -22.70
CA ASP A 125 -21.43 -19.85 -23.78
C ASP A 125 -20.23 -19.01 -24.22
N LEU A 126 -20.39 -17.68 -24.24
CA LEU A 126 -19.30 -16.82 -24.67
C LEU A 126 -18.10 -16.91 -23.73
N VAL A 127 -18.36 -16.94 -22.42
CA VAL A 127 -17.28 -17.00 -21.44
C VAL A 127 -16.92 -18.45 -21.17
N GLY A 128 -17.54 -19.36 -21.91
CA GLY A 128 -17.19 -20.77 -21.84
C GLY A 128 -17.43 -21.42 -20.48
N LEU A 129 -18.44 -20.96 -19.74
CA LEU A 129 -18.71 -21.49 -18.42
C LEU A 129 -20.17 -21.89 -18.26
N LYS A 130 -20.84 -22.22 -19.37
CA LYS A 130 -22.22 -22.69 -19.28
C LYS A 130 -22.32 -23.98 -18.48
N HIS A 131 -21.25 -24.78 -18.46
CA HIS A 131 -21.24 -26.03 -17.68
C HIS A 131 -21.24 -25.79 -16.18
N LYS A 132 -21.12 -24.54 -15.73
CA LYS A 132 -21.19 -24.18 -14.32
C LYS A 132 -22.36 -23.23 -14.05
N VAL A 133 -23.45 -23.39 -14.80
CA VAL A 133 -24.56 -22.45 -14.73
C VAL A 133 -25.15 -22.39 -13.33
N ARG A 134 -25.08 -23.48 -12.57
CA ARG A 134 -25.71 -23.56 -11.26
C ARG A 134 -24.71 -23.55 -10.11
N SER A 135 -23.43 -23.36 -10.40
CA SER A 135 -22.42 -23.31 -9.34
C SER A 135 -22.42 -21.95 -8.64
N PHE A 136 -21.97 -21.92 -7.38
CA PHE A 136 -21.74 -20.64 -6.74
C PHE A 136 -20.37 -20.09 -7.03
N PRO A 137 -20.17 -18.81 -6.74
CA PRO A 137 -18.91 -18.15 -7.12
C PRO A 137 -17.66 -18.72 -6.47
N ASN A 138 -17.72 -19.31 -5.27
CA ASN A 138 -16.43 -19.65 -4.71
C ASN A 138 -16.03 -21.09 -4.98
N GLU A 139 -16.88 -21.89 -5.63
CA GLU A 139 -16.38 -23.05 -6.34
C GLU A 139 -15.72 -22.69 -7.66
N LEU A 140 -15.62 -21.40 -7.98
CA LEU A 140 -15.03 -20.92 -9.21
C LEU A 140 -13.60 -20.44 -8.97
N SER A 141 -12.72 -20.71 -9.93
CA SER A 141 -11.37 -20.17 -9.88
C SER A 141 -11.42 -18.65 -9.99
N GLY A 142 -10.26 -18.01 -9.79
CA GLY A 142 -10.18 -16.57 -9.96
C GLY A 142 -10.49 -16.14 -11.38
N GLY A 143 -9.81 -16.75 -12.35
CA GLY A 143 -10.09 -16.42 -13.74
C GLY A 143 -11.54 -16.67 -14.12
N GLU A 144 -12.12 -17.76 -13.61
CA GLU A 144 -13.54 -18.01 -13.84
C GLU A 144 -14.40 -16.93 -13.20
N GLN A 145 -13.97 -16.40 -12.06
CA GLN A 145 -14.72 -15.32 -11.41
C GLN A 145 -14.71 -14.07 -12.27
N GLN A 146 -13.53 -13.67 -12.78
CA GLN A 146 -13.45 -12.51 -13.64
C GLN A 146 -14.21 -12.73 -14.95
N ARG A 147 -14.28 -13.98 -15.42
CA ARG A 147 -15.06 -14.25 -16.63
C ARG A 147 -16.55 -14.11 -16.38
N ILE A 148 -17.03 -14.55 -15.22
CA ILE A 148 -18.43 -14.36 -14.88
C ILE A 148 -18.72 -12.88 -14.62
N ALA A 149 -17.77 -12.17 -14.02
CA ALA A 149 -17.93 -10.73 -13.85
C ALA A 149 -18.06 -10.03 -15.19
N ILE A 150 -17.24 -10.40 -16.16
CA ILE A 150 -17.33 -9.82 -17.49
C ILE A 150 -18.65 -10.19 -18.15
N ALA A 151 -19.10 -11.44 -17.95
CA ALA A 151 -20.41 -11.84 -18.47
C ALA A 151 -21.51 -10.98 -17.89
N ARG A 152 -21.44 -10.68 -16.58
CA ARG A 152 -22.43 -9.81 -15.95
C ARG A 152 -22.39 -8.42 -16.55
N ALA A 153 -21.20 -7.88 -16.81
CA ALA A 153 -21.08 -6.51 -17.27
C ALA A 153 -21.64 -6.34 -18.68
N ILE A 154 -21.68 -7.40 -19.47
CA ILE A 154 -22.11 -7.33 -20.86
C ILE A 154 -23.47 -7.98 -21.06
N VAL A 155 -24.12 -8.44 -19.99
CA VAL A 155 -25.36 -9.21 -20.15
C VAL A 155 -26.40 -8.39 -20.89
N ASN A 156 -26.47 -7.09 -20.62
CA ASN A 156 -27.41 -6.20 -21.30
C ASN A 156 -26.85 -5.64 -22.60
N ASN A 157 -25.73 -6.19 -23.08
CA ASN A 157 -25.15 -5.82 -24.37
C ASN A 157 -24.86 -4.33 -24.43
N PRO A 158 -23.99 -3.81 -23.56
CA PRO A 158 -23.67 -2.37 -23.61
C PRO A 158 -22.80 -2.05 -24.83
N LYS A 159 -22.96 -0.82 -25.32
CA LYS A 159 -22.13 -0.37 -26.43
C LYS A 159 -20.68 -0.20 -26.03
N VAL A 160 -20.43 0.13 -24.76
CA VAL A 160 -19.09 0.41 -24.26
C VAL A 160 -18.82 -0.49 -23.07
N LEU A 161 -17.57 -0.93 -22.94
CA LEU A 161 -17.13 -1.75 -21.82
C LEU A 161 -15.85 -1.14 -21.25
N ILE A 162 -15.96 -0.53 -20.08
CA ILE A 162 -14.80 0.02 -19.38
C ILE A 162 -14.26 -1.05 -18.45
N ALA A 163 -13.00 -1.45 -18.66
CA ALA A 163 -12.35 -2.48 -17.85
C ALA A 163 -11.14 -1.88 -17.17
N ASP A 164 -11.20 -1.74 -15.85
CA ASP A 164 -10.09 -1.21 -15.07
C ASP A 164 -9.23 -2.39 -14.60
N GLU A 165 -8.05 -2.53 -15.21
CA GLU A 165 -7.10 -3.60 -14.93
C GLU A 165 -7.82 -4.93 -14.77
N PRO A 166 -8.44 -5.45 -15.84
CA PRO A 166 -9.19 -6.71 -15.72
C PRO A 166 -8.32 -7.91 -15.39
N THR A 167 -7.03 -7.87 -15.70
CA THR A 167 -6.13 -8.98 -15.43
C THR A 167 -5.21 -8.72 -14.24
N GLY A 168 -5.38 -7.60 -13.55
CA GLY A 168 -4.45 -7.19 -12.51
C GLY A 168 -4.26 -8.20 -11.40
N ASN A 169 -5.24 -9.08 -11.18
CA ASN A 169 -5.17 -10.07 -10.10
C ASN A 169 -5.08 -11.50 -10.62
N LEU A 170 -4.75 -11.68 -11.90
CA LEU A 170 -4.75 -12.99 -12.53
C LEU A 170 -3.35 -13.33 -13.02
N ASP A 171 -3.03 -14.62 -12.99
CA ASP A 171 -1.75 -15.10 -13.47
C ASP A 171 -1.68 -14.98 -15.00
N PRO A 172 -0.51 -15.22 -15.59
CA PRO A 172 -0.36 -14.98 -17.04
C PRO A 172 -1.38 -15.69 -17.91
N ASP A 173 -1.65 -16.97 -17.66
CA ASP A 173 -2.54 -17.72 -18.54
C ASP A 173 -3.99 -17.27 -18.39
N ASN A 174 -4.45 -17.07 -17.15
CA ASN A 174 -5.81 -16.59 -16.96
C ASN A 174 -5.98 -15.19 -17.52
N SER A 175 -4.91 -14.38 -17.51
CA SER A 175 -5.00 -13.06 -18.13
C SER A 175 -5.15 -13.18 -19.65
N TRP A 176 -4.42 -14.12 -20.26
CA TRP A 176 -4.62 -14.37 -21.69
C TRP A 176 -6.06 -14.75 -21.98
N GLU A 177 -6.66 -15.58 -21.11
CA GLU A 177 -8.05 -15.96 -21.30
C GLU A 177 -8.98 -14.75 -21.20
N ILE A 178 -8.73 -13.87 -20.22
CA ILE A 178 -9.53 -12.66 -20.09
C ILE A 178 -9.37 -11.78 -21.32
N MET A 179 -8.14 -11.66 -21.84
CA MET A 179 -7.90 -10.84 -23.02
C MET A 179 -8.58 -11.44 -24.25
N ASN A 180 -8.55 -12.77 -24.39
CA ASN A 180 -9.23 -13.41 -25.51
C ASN A 180 -10.72 -13.17 -25.44
N LEU A 181 -11.31 -13.29 -24.25
CA LEU A 181 -12.74 -13.00 -24.09
C LEU A 181 -13.05 -11.55 -24.43
N LEU A 182 -12.22 -10.62 -23.95
CA LEU A 182 -12.42 -9.21 -24.29
C LEU A 182 -12.32 -8.99 -25.79
N GLU A 183 -11.42 -9.71 -26.45
CA GLU A 183 -11.25 -9.56 -27.89
C GLU A 183 -12.51 -10.00 -28.64
N ARG A 184 -13.05 -11.16 -28.27
CA ARG A 184 -14.27 -11.64 -28.91
C ARG A 184 -15.43 -10.68 -28.64
N ILE A 185 -15.50 -10.14 -27.42
CA ILE A 185 -16.49 -9.10 -27.13
C ILE A 185 -16.31 -7.92 -28.08
N ASN A 186 -15.06 -7.47 -28.25
CA ASN A 186 -14.80 -6.34 -29.13
C ASN A 186 -15.18 -6.66 -30.58
N LEU A 187 -14.88 -7.89 -31.03
CA LEU A 187 -15.21 -8.25 -32.40
C LEU A 187 -16.72 -8.26 -32.64
N GLN A 188 -17.51 -8.48 -31.59
CA GLN A 188 -18.96 -8.36 -31.71
C GLN A 188 -19.42 -6.91 -31.81
N GLY A 189 -18.50 -5.95 -31.73
CA GLY A 189 -18.81 -4.54 -31.89
C GLY A 189 -18.60 -3.70 -30.66
N THR A 190 -18.53 -4.31 -29.47
CA THR A 190 -18.43 -3.54 -28.24
C THR A 190 -17.14 -2.73 -28.20
N THR A 191 -17.28 -1.43 -27.96
CA THR A 191 -16.11 -0.58 -27.73
C THR A 191 -15.54 -0.88 -26.35
N ILE A 192 -14.26 -1.20 -26.29
CA ILE A 192 -13.62 -1.64 -25.06
C ILE A 192 -12.51 -0.67 -24.71
N LEU A 193 -12.60 -0.08 -23.51
CA LEU A 193 -11.55 0.76 -22.96
C LEU A 193 -10.97 0.04 -21.76
N MET A 194 -9.67 -0.24 -21.81
CA MET A 194 -9.01 -1.09 -20.82
C MET A 194 -7.81 -0.36 -20.23
N ALA A 195 -7.93 0.04 -18.97
CA ALA A 195 -6.80 0.55 -18.22
C ALA A 195 -5.93 -0.61 -17.74
N THR A 196 -4.63 -0.52 -17.98
CA THR A 196 -3.78 -1.68 -17.77
C THR A 196 -2.33 -1.25 -17.56
N HIS A 197 -1.63 -2.04 -16.76
N HIS A 197 -1.62 -2.02 -16.75
CA HIS A 197 -0.19 -1.92 -16.57
CA HIS A 197 -0.17 -1.89 -16.64
C HIS A 197 0.57 -3.12 -17.13
C HIS A 197 0.52 -3.22 -16.91
N ASN A 198 -0.13 -4.12 -17.65
CA ASN A 198 0.47 -5.37 -18.09
C ASN A 198 1.09 -5.15 -19.46
N SER A 199 2.42 -5.03 -19.50
CA SER A 199 3.09 -4.69 -20.76
C SER A 199 3.11 -5.87 -21.72
N GLN A 200 3.15 -7.10 -21.21
CA GLN A 200 3.09 -8.25 -22.09
C GLN A 200 1.81 -8.23 -22.92
N ILE A 201 0.66 -8.08 -22.25
CA ILE A 201 -0.62 -8.03 -22.95
C ILE A 201 -0.62 -6.93 -23.99
N VAL A 202 -0.26 -5.71 -23.58
CA VAL A 202 -0.32 -4.56 -24.49
C VAL A 202 0.57 -4.79 -25.70
N ASN A 203 1.74 -5.41 -25.50
CA ASN A 203 2.72 -5.53 -26.57
C ASN A 203 2.45 -6.72 -27.48
N THR A 204 1.76 -7.75 -26.99
CA THR A 204 1.38 -8.87 -27.85
C THR A 204 0.01 -8.67 -28.46
N LEU A 205 -0.93 -8.14 -27.69
CA LEU A 205 -2.28 -7.85 -28.15
C LEU A 205 -2.32 -6.38 -28.56
N ARG A 206 -1.79 -6.10 -29.74
CA ARG A 206 -1.62 -4.73 -30.18
C ARG A 206 -2.96 -4.09 -30.51
N HIS A 207 -3.32 -3.06 -29.74
CA HIS A 207 -4.49 -2.25 -30.00
C HIS A 207 -4.13 -0.79 -29.88
N ARG A 208 -5.12 0.10 -29.94
CA ARG A 208 -4.86 1.50 -29.69
C ARG A 208 -4.30 1.69 -28.28
N VAL A 209 -3.32 2.58 -28.15
CA VAL A 209 -2.69 2.86 -26.87
C VAL A 209 -2.83 4.36 -26.59
N ILE A 210 -3.57 4.69 -25.54
CA ILE A 210 -3.68 6.06 -25.04
C ILE A 210 -2.86 6.11 -23.75
N ALA A 211 -1.74 6.84 -23.79
CA ALA A 211 -0.87 6.98 -22.64
C ALA A 211 -1.13 8.31 -21.96
N ILE A 212 -1.42 8.27 -20.67
CA ILE A 212 -1.66 9.47 -19.86
C ILE A 212 -0.46 9.68 -18.95
N GLU A 213 -0.02 10.93 -18.84
CA GLU A 213 1.08 11.31 -17.96
C GLU A 213 0.74 12.64 -17.31
N ASN A 214 0.79 12.69 -15.99
CA ASN A 214 0.49 13.90 -15.23
CA ASN A 214 0.50 13.91 -15.24
C ASN A 214 -0.80 14.56 -15.73
N GLY A 215 -1.81 13.74 -15.97
CA GLY A 215 -3.12 14.24 -16.35
C GLY A 215 -3.29 14.68 -17.78
N ARG A 216 -2.32 14.40 -18.66
CA ARG A 216 -2.41 14.79 -20.06
C ARG A 216 -2.11 13.61 -20.95
N VAL A 217 -2.79 13.55 -22.09
CA VAL A 217 -2.58 12.46 -23.04
C VAL A 217 -1.25 12.72 -23.75
N VAL A 218 -0.27 11.86 -23.48
CA VAL A 218 1.06 12.03 -24.05
C VAL A 218 1.28 11.16 -25.28
N ARG A 219 0.43 10.19 -25.53
CA ARG A 219 0.62 9.23 -26.61
C ARG A 219 -0.72 8.62 -26.97
N ASP A 220 -0.99 8.52 -28.27
CA ASP A 220 -2.26 7.97 -28.76
C ASP A 220 -1.94 7.37 -30.13
N GLU A 221 -1.75 6.05 -30.16
CA GLU A 221 -1.19 5.42 -31.34
C GLU A 221 -1.95 4.15 -31.70
N SER A 222 -2.09 3.92 -33.01
CA SER A 222 -2.57 2.63 -33.50
C SER A 222 -1.56 1.53 -33.15
N LYS A 223 -2.09 0.41 -32.66
CA LYS A 223 -1.29 -0.77 -32.33
C LYS A 223 0.04 -0.37 -31.68
N GLY A 224 -0.07 0.50 -30.69
CA GLY A 224 1.12 1.04 -30.05
C GLY A 224 1.76 0.08 -29.06
N GLU A 225 2.95 0.47 -28.62
CA GLU A 225 3.66 -0.28 -27.59
C GLU A 225 3.29 0.25 -26.21
N TYR A 226 3.56 -0.57 -25.19
CA TYR A 226 3.29 -0.15 -23.81
C TYR A 226 4.13 1.08 -23.47
N GLY A 227 5.44 0.95 -23.50
CA GLY A 227 6.32 2.09 -23.40
C GLY A 227 6.62 2.59 -22.00
N TYR A 228 6.55 1.72 -20.99
CA TYR A 228 6.89 2.10 -19.63
C TYR A 228 7.58 0.95 -18.92
N ASP A 229 7.88 1.16 -17.65
CA ASP A 229 8.52 0.14 -16.83
C ASP A 229 7.49 -0.78 -16.19
N GLY B 1 9.62 -28.49 28.32
CA GLY B 1 9.97 -27.09 28.16
C GLY B 1 9.12 -26.37 27.12
N SER B 2 9.43 -25.10 26.88
CA SER B 2 8.71 -24.32 25.89
C SER B 2 9.25 -24.58 24.49
N ILE B 3 8.38 -24.45 23.49
CA ILE B 3 8.82 -24.59 22.12
C ILE B 3 9.39 -23.28 21.60
N ILE B 4 8.89 -22.15 22.07
CA ILE B 4 9.44 -20.84 21.78
C ILE B 4 9.81 -20.18 23.10
N GLU B 5 11.07 -19.76 23.23
CA GLU B 5 11.56 -19.07 24.42
C GLU B 5 12.25 -17.79 23.95
N MET B 6 11.59 -16.65 24.12
CA MET B 6 12.10 -15.35 23.73
C MET B 6 12.17 -14.48 24.97
N ARG B 7 13.36 -13.94 25.26
CA ARG B 7 13.57 -13.19 26.49
C ARG B 7 14.44 -11.98 26.20
N ASP B 8 13.91 -10.79 26.49
CA ASP B 8 14.66 -9.53 26.37
C ASP B 8 15.19 -9.33 24.96
N VAL B 9 14.38 -9.67 23.96
CA VAL B 9 14.80 -9.60 22.57
C VAL B 9 14.68 -8.16 22.07
N VAL B 10 15.74 -7.68 21.43
CA VAL B 10 15.78 -6.35 20.84
C VAL B 10 16.24 -6.48 19.40
N LYS B 11 15.55 -5.74 18.53
CA LYS B 11 15.88 -5.71 17.10
C LYS B 11 15.83 -4.26 16.60
N LYS B 12 16.92 -3.80 15.99
CA LYS B 12 16.96 -2.45 15.43
C LYS B 12 17.54 -2.53 14.03
N TYR B 13 16.72 -2.21 13.03
CA TYR B 13 17.20 -2.19 11.66
C TYR B 13 18.16 -1.03 11.44
N ASP B 14 19.09 -1.21 10.52
CA ASP B 14 19.84 -0.08 9.99
C ASP B 14 18.90 0.83 9.21
N ASN B 15 19.02 2.13 9.44
CA ASN B 15 18.19 3.12 8.75
C ASN B 15 16.74 3.06 9.22
N GLY B 16 16.39 2.04 10.01
CA GLY B 16 15.06 1.91 10.55
C GLY B 16 14.99 2.27 12.02
N THR B 17 13.88 1.89 12.64
CA THR B 17 13.64 2.14 14.05
C THR B 17 14.06 0.93 14.86
N THR B 18 13.79 0.97 16.16
CA THR B 18 13.98 -0.19 17.03
C THR B 18 12.67 -0.96 17.06
N ALA B 19 12.57 -1.99 16.22
CA ALA B 19 11.29 -2.68 16.03
C ALA B 19 10.88 -3.46 17.28
N LEU B 20 11.84 -4.01 18.02
CA LEU B 20 11.54 -4.81 19.20
C LEU B 20 12.42 -4.34 20.35
N ARG B 21 11.79 -3.86 21.42
CA ARG B 21 12.49 -3.36 22.60
C ARG B 21 12.22 -4.31 23.76
N GLY B 22 13.15 -5.24 23.92
CA GLY B 22 13.07 -6.19 25.04
C GLY B 22 11.79 -6.95 25.05
N VAL B 23 11.60 -7.83 24.10
CA VAL B 23 10.33 -8.59 24.10
C VAL B 23 10.58 -9.95 24.75
N SER B 24 9.75 -10.34 25.68
CA SER B 24 9.94 -11.66 26.28
C SER B 24 8.65 -12.46 26.12
N VAL B 25 8.71 -13.58 25.40
CA VAL B 25 7.51 -14.42 25.18
C VAL B 25 7.92 -15.89 25.24
N SER B 26 7.19 -16.67 26.02
CA SER B 26 7.40 -18.11 26.09
C SER B 26 6.11 -18.80 25.71
N VAL B 27 6.24 -19.76 24.80
CA VAL B 27 5.09 -20.49 24.22
C VAL B 27 5.34 -21.99 24.42
N GLN B 28 4.33 -22.70 24.83
CA GLN B 28 4.38 -24.15 25.08
C GLN B 28 3.83 -24.86 23.86
N PRO B 29 4.18 -26.14 23.68
CA PRO B 29 3.72 -26.91 22.57
C PRO B 29 2.20 -27.03 22.54
N GLY B 30 1.64 -26.76 21.37
CA GLY B 30 0.20 -26.88 21.16
C GLY B 30 -0.52 -25.58 21.35
N GLU B 31 0.17 -24.53 21.76
CA GLU B 31 -0.49 -23.27 22.00
C GLU B 31 -0.94 -22.61 20.70
N PHE B 32 -2.07 -21.91 20.77
CA PHE B 32 -2.62 -21.14 19.66
C PHE B 32 -2.58 -19.67 20.08
N ALA B 33 -1.69 -18.90 19.46
CA ALA B 33 -1.41 -17.54 19.89
C ALA B 33 -1.62 -16.55 18.75
N TYR B 34 -2.46 -15.55 18.98
CA TYR B 34 -2.56 -14.40 18.09
C TYR B 34 -1.51 -13.36 18.47
N ILE B 35 -0.97 -12.68 17.47
CA ILE B 35 -0.14 -11.50 17.67
C ILE B 35 -0.90 -10.32 17.08
N VAL B 36 -1.29 -9.37 17.93
CA VAL B 36 -2.09 -8.23 17.52
C VAL B 36 -1.40 -6.95 17.98
N GLY B 37 -1.77 -5.85 17.33
CA GLY B 37 -1.21 -4.56 17.64
C GLY B 37 -1.35 -3.58 16.50
N PRO B 38 -1.13 -2.29 16.77
CA PRO B 38 -1.21 -1.29 15.71
C PRO B 38 -0.11 -1.46 14.69
N SER B 39 -0.36 -0.90 13.50
CA SER B 39 0.63 -0.97 12.43
C SER B 39 1.93 -0.30 12.85
N GLY B 40 3.05 -0.92 12.47
CA GLY B 40 4.35 -0.45 12.91
C GLY B 40 4.70 -0.80 14.34
N ALA B 41 3.92 -1.66 14.99
CA ALA B 41 4.17 -2.03 16.37
C ALA B 41 5.25 -3.09 16.52
N GLY B 42 5.59 -3.79 15.44
CA GLY B 42 6.60 -4.83 15.48
C GLY B 42 6.08 -6.25 15.31
N LYS B 43 4.81 -6.42 14.94
CA LYS B 43 4.25 -7.76 14.81
C LYS B 43 5.04 -8.60 13.81
N SER B 44 5.26 -8.06 12.61
CA SER B 44 5.92 -8.84 11.57
C SER B 44 7.38 -9.12 11.91
N THR B 45 8.09 -8.12 12.43
CA THR B 45 9.45 -8.37 12.92
C THR B 45 9.46 -9.48 13.96
N PHE B 46 8.45 -9.48 14.83
CA PHE B 46 8.37 -10.50 15.88
C PHE B 46 8.27 -11.90 15.28
N ILE B 47 7.27 -12.12 14.42
CA ILE B 47 7.06 -13.45 13.87
C ILE B 47 8.24 -13.86 12.97
N ARG B 48 8.79 -12.90 12.23
CA ARG B 48 9.93 -13.22 11.36
C ARG B 48 11.14 -13.64 12.16
N SER B 49 11.28 -13.14 13.40
CA SER B 49 12.36 -13.58 14.26
C SER B 49 12.25 -15.06 14.60
N LEU B 50 11.05 -15.64 14.46
CA LEU B 50 10.82 -17.01 14.89
C LEU B 50 11.28 -18.05 13.88
N TYR B 51 11.49 -17.67 12.61
CA TYR B 51 12.16 -18.55 11.66
C TYR B 51 13.45 -17.93 11.15
N ARG B 52 14.03 -17.01 11.90
CA ARG B 52 15.39 -16.49 11.72
C ARG B 52 15.55 -15.65 10.46
N GLU B 53 14.47 -15.27 9.79
CA GLU B 53 14.59 -14.28 8.72
C GLU B 53 15.28 -13.02 9.23
N VAL B 54 14.90 -12.58 10.43
CA VAL B 54 15.52 -11.45 11.11
C VAL B 54 16.34 -12.00 12.26
N LYS B 55 17.59 -11.55 12.37
CA LYS B 55 18.44 -11.91 13.51
C LYS B 55 18.28 -10.84 14.59
N ILE B 56 18.11 -11.28 15.83
CA ILE B 56 17.91 -10.36 16.94
C ILE B 56 19.23 -9.69 17.30
N ASP B 57 19.13 -8.48 17.86
CA ASP B 57 20.33 -7.76 18.28
C ASP B 57 20.77 -8.19 19.68
N LYS B 58 19.85 -8.20 20.63
CA LYS B 58 20.14 -8.59 22.00
C LYS B 58 19.06 -9.55 22.49
N GLY B 59 19.36 -10.21 23.61
CA GLY B 59 18.43 -11.15 24.21
C GLY B 59 18.69 -12.57 23.79
N SER B 60 17.75 -13.43 24.17
CA SER B 60 17.80 -14.85 23.86
C SER B 60 16.58 -15.25 23.03
N LEU B 61 16.78 -16.18 22.12
CA LEU B 61 15.67 -16.66 21.29
C LEU B 61 15.93 -18.11 20.91
N SER B 62 15.08 -19.01 21.39
N SER B 62 15.07 -19.01 21.38
CA SER B 62 15.13 -20.43 21.04
CA SER B 62 15.14 -20.43 21.04
C SER B 62 13.78 -20.84 20.47
C SER B 62 13.79 -20.86 20.48
N VAL B 63 13.81 -21.60 19.38
CA VAL B 63 12.60 -22.05 18.71
C VAL B 63 12.78 -23.52 18.33
N ALA B 64 11.88 -24.37 18.82
CA ALA B 64 11.87 -25.79 18.47
C ALA B 64 13.25 -26.42 18.70
N GLY B 65 13.90 -26.04 19.79
CA GLY B 65 15.19 -26.57 20.15
C GLY B 65 16.38 -25.91 19.50
N PHE B 66 16.16 -24.98 18.57
CA PHE B 66 17.24 -24.28 17.90
C PHE B 66 17.49 -22.94 18.59
N ASN B 67 18.77 -22.56 18.68
CA ASN B 67 19.18 -21.30 19.28
C ASN B 67 19.37 -20.29 18.16
N LEU B 68 18.34 -19.49 17.89
CA LEU B 68 18.39 -18.55 16.78
C LEU B 68 19.42 -17.45 16.98
N VAL B 69 20.02 -17.35 18.17
CA VAL B 69 21.14 -16.44 18.36
C VAL B 69 22.43 -17.07 17.85
N LYS B 70 22.64 -18.36 18.15
CA LYS B 70 23.86 -19.07 17.79
C LYS B 70 23.74 -19.90 16.53
N ILE B 71 22.53 -20.14 16.03
CA ILE B 71 22.36 -20.95 14.83
C ILE B 71 23.14 -20.33 13.69
N LYS B 72 23.83 -21.16 12.92
CA LYS B 72 24.50 -20.72 11.71
C LYS B 72 23.52 -20.75 10.55
N LYS B 73 23.67 -19.77 9.66
CA LYS B 73 22.83 -19.59 8.45
C LYS B 73 22.66 -20.92 7.72
N LYS B 74 23.65 -21.77 7.82
CA LYS B 74 23.65 -23.07 7.10
C LYS B 74 22.60 -24.02 7.69
N ASP B 75 22.24 -23.86 8.96
CA ASP B 75 21.27 -24.71 9.61
C ASP B 75 19.87 -24.14 9.60
N VAL B 76 19.68 -22.92 9.09
CA VAL B 76 18.34 -22.33 9.05
C VAL B 76 17.36 -23.24 8.31
N PRO B 77 17.73 -23.87 7.19
CA PRO B 77 16.79 -24.81 6.56
C PRO B 77 16.30 -25.90 7.50
N LEU B 78 17.19 -26.47 8.31
CA LEU B 78 16.76 -27.48 9.27
C LEU B 78 15.75 -26.90 10.26
N LEU B 79 16.03 -25.71 10.79
CA LEU B 79 15.04 -25.02 11.60
C LEU B 79 13.73 -24.83 10.83
N ARG B 80 13.84 -24.49 9.54
CA ARG B 80 12.65 -24.26 8.74
C ARG B 80 11.84 -25.53 8.52
N ARG B 81 12.42 -26.70 8.77
CA ARG B 81 11.65 -27.93 8.74
C ARG B 81 10.86 -28.14 10.02
N SER B 82 11.25 -27.47 11.10
CA SER B 82 10.46 -27.45 12.32
C SER B 82 9.53 -26.26 12.41
N VAL B 83 9.73 -25.25 11.56
CA VAL B 83 8.98 -23.99 11.64
C VAL B 83 8.44 -23.71 10.23
N GLY B 84 7.22 -24.14 9.97
CA GLY B 84 6.55 -23.76 8.74
C GLY B 84 6.01 -22.34 8.81
N VAL B 85 5.88 -21.72 7.65
CA VAL B 85 5.49 -20.31 7.56
C VAL B 85 4.45 -20.14 6.46
N VAL B 86 3.37 -19.45 6.77
CA VAL B 86 2.30 -19.14 5.83
C VAL B 86 2.28 -17.63 5.61
N PHE B 87 2.18 -17.21 4.35
CA PHE B 87 2.28 -15.81 4.00
C PHE B 87 0.91 -15.23 3.66
N GLN B 88 0.80 -13.90 3.79
CA GLN B 88 -0.43 -13.20 3.46
C GLN B 88 -0.75 -13.36 1.98
N ASP B 89 0.26 -13.37 1.13
CA ASP B 89 0.10 -13.56 -0.31
C ASP B 89 0.46 -15.01 -0.63
N TYR B 90 -0.54 -15.83 -0.90
CA TYR B 90 -0.31 -17.24 -1.19
C TYR B 90 0.37 -17.40 -2.55
N LYS B 91 1.54 -18.03 -2.56
CA LYS B 91 2.32 -18.17 -3.82
C LYS B 91 2.59 -19.64 -4.18
N LEU B 92 1.63 -20.30 -4.84
CA LEU B 92 1.81 -21.65 -5.32
C LEU B 92 2.67 -21.61 -6.57
N LEU B 93 3.34 -22.70 -6.85
CA LEU B 93 4.19 -22.74 -8.04
C LEU B 93 3.33 -23.04 -9.26
N PRO B 94 3.41 -22.22 -10.32
CA PRO B 94 2.31 -22.13 -11.29
C PRO B 94 2.01 -23.38 -12.11
N LYS B 95 3.04 -23.98 -12.72
CA LYS B 95 2.83 -25.11 -13.62
C LYS B 95 2.88 -26.46 -12.90
N LYS B 96 3.03 -26.48 -11.59
CA LYS B 96 2.91 -27.71 -10.82
C LYS B 96 1.47 -27.90 -10.37
N THR B 97 1.09 -29.17 -10.20
CA THR B 97 -0.24 -29.49 -9.72
C THR B 97 -0.31 -29.29 -8.20
N VAL B 98 -1.48 -29.55 -7.64
CA VAL B 98 -1.62 -29.53 -6.18
C VAL B 98 -0.65 -30.54 -5.55
N TYR B 99 -0.62 -31.75 -6.11
CA TYR B 99 0.26 -32.79 -5.56
C TYR B 99 1.71 -32.34 -5.59
N GLU B 100 2.17 -31.79 -6.73
CA GLU B 100 3.56 -31.37 -6.83
C GLU B 100 3.86 -30.20 -5.90
N ASN B 101 2.93 -29.25 -5.82
CA ASN B 101 3.12 -28.12 -4.90
C ASN B 101 3.35 -28.60 -3.48
N ILE B 102 2.54 -29.55 -3.01
CA ILE B 102 2.68 -30.04 -1.65
C ILE B 102 3.90 -30.92 -1.52
N ALA B 103 4.14 -31.81 -2.49
CA ALA B 103 5.22 -32.78 -2.39
C ALA B 103 6.60 -32.14 -2.48
N TYR B 104 6.70 -30.93 -3.04
CA TYR B 104 8.02 -30.37 -3.33
C TYR B 104 8.87 -30.23 -2.08
N ALA B 105 8.27 -29.81 -0.97
CA ALA B 105 9.03 -29.62 0.26
C ALA B 105 9.65 -30.93 0.73
N MET B 106 8.92 -32.04 0.59
CA MET B 106 9.47 -33.33 0.99
C MET B 106 10.52 -33.82 0.01
N GLU B 107 10.33 -33.55 -1.28
CA GLU B 107 11.33 -33.94 -2.28
C GLU B 107 12.63 -33.19 -2.09
N VAL B 108 12.57 -31.96 -1.58
CA VAL B 108 13.79 -31.20 -1.31
C VAL B 108 14.63 -31.90 -0.24
N ILE B 109 13.97 -32.41 0.80
CA ILE B 109 14.68 -33.12 1.87
C ILE B 109 14.98 -34.56 1.51
N GLY B 110 14.51 -35.05 0.37
CA GLY B 110 14.84 -36.38 -0.08
C GLY B 110 14.00 -37.49 0.51
N GLU B 111 12.72 -37.24 0.72
CA GLU B 111 11.85 -38.25 1.30
C GLU B 111 11.51 -39.34 0.29
N ASN B 112 11.23 -40.53 0.79
CA ASN B 112 10.79 -41.62 -0.06
C ASN B 112 9.49 -41.23 -0.77
N ARG B 113 9.41 -41.57 -2.06
CA ARG B 113 8.28 -41.11 -2.86
C ARG B 113 6.96 -41.71 -2.39
N ARG B 114 7.00 -42.91 -1.82
CA ARG B 114 5.76 -43.48 -1.26
C ARG B 114 5.34 -42.73 0.00
N ASN B 115 6.29 -42.44 0.89
CA ASN B 115 5.99 -41.59 2.03
C ASN B 115 5.42 -40.25 1.58
N ILE B 116 5.93 -39.72 0.46
CA ILE B 116 5.45 -38.44 -0.05
C ILE B 116 3.99 -38.54 -0.48
N LYS B 117 3.66 -39.58 -1.24
CA LYS B 117 2.28 -39.76 -1.69
C LYS B 117 1.35 -39.92 -0.49
N ARG B 118 1.74 -40.75 0.48
CA ARG B 118 0.89 -40.97 1.64
C ARG B 118 0.70 -39.68 2.43
N ARG B 119 1.76 -38.89 2.61
CA ARG B 119 1.65 -37.68 3.38
C ARG B 119 0.86 -36.60 2.63
N VAL B 120 1.02 -36.54 1.31
CA VAL B 120 0.30 -35.54 0.53
C VAL B 120 -1.20 -35.79 0.59
N MET B 121 -1.61 -37.05 0.42
CA MET B 121 -3.04 -37.37 0.51
C MET B 121 -3.55 -37.12 1.92
N GLU B 122 -2.72 -37.33 2.94
CA GLU B 122 -3.15 -37.06 4.31
C GLU B 122 -3.42 -35.58 4.51
N VAL B 123 -2.52 -34.72 4.03
N VAL B 123 -2.52 -34.72 4.03
CA VAL B 123 -2.71 -33.28 4.20
CA VAL B 123 -2.72 -33.29 4.21
C VAL B 123 -3.86 -32.78 3.33
C VAL B 123 -3.87 -32.79 3.34
N LEU B 124 -4.05 -33.38 2.15
CA LEU B 124 -5.16 -32.95 1.30
C LEU B 124 -6.51 -33.28 1.92
N ASP B 125 -6.61 -34.41 2.63
CA ASP B 125 -7.82 -34.70 3.38
C ASP B 125 -7.96 -33.77 4.58
N LEU B 126 -6.85 -33.47 5.25
CA LEU B 126 -6.91 -32.53 6.37
C LEU B 126 -7.51 -31.19 5.94
N VAL B 127 -7.10 -30.68 4.77
CA VAL B 127 -7.64 -29.43 4.25
C VAL B 127 -8.87 -29.65 3.39
N GLY B 128 -9.25 -30.91 3.14
CA GLY B 128 -10.46 -31.21 2.39
C GLY B 128 -10.41 -30.84 0.93
N LEU B 129 -9.35 -31.25 0.23
CA LEU B 129 -9.21 -30.95 -1.19
C LEU B 129 -8.60 -32.11 -1.96
N LYS B 130 -8.83 -33.35 -1.51
CA LYS B 130 -8.30 -34.51 -2.23
C LYS B 130 -8.77 -34.55 -3.67
N HIS B 131 -9.99 -34.08 -3.92
CA HIS B 131 -10.57 -34.03 -5.26
C HIS B 131 -9.85 -33.04 -6.18
N LYS B 132 -8.97 -32.20 -5.64
CA LYS B 132 -8.25 -31.20 -6.43
C LYS B 132 -6.76 -31.50 -6.53
N VAL B 133 -6.36 -32.75 -6.26
CA VAL B 133 -4.94 -33.08 -6.16
C VAL B 133 -4.22 -32.80 -7.47
N ARG B 134 -4.91 -32.86 -8.59
CA ARG B 134 -4.29 -32.69 -9.91
C ARG B 134 -4.57 -31.33 -10.53
N SER B 135 -5.29 -30.45 -9.84
CA SER B 135 -5.57 -29.13 -10.38
C SER B 135 -4.34 -28.24 -10.26
N PHE B 136 -4.30 -27.20 -11.09
CA PHE B 136 -3.24 -26.22 -11.06
C PHE B 136 -3.68 -24.99 -10.28
N PRO B 137 -2.74 -24.16 -9.83
CA PRO B 137 -3.10 -22.99 -9.02
C PRO B 137 -4.05 -22.02 -9.72
N ASN B 138 -4.16 -22.06 -11.04
CA ASN B 138 -5.11 -21.20 -11.74
C ASN B 138 -6.50 -21.81 -11.84
N GLU B 139 -6.67 -23.07 -11.46
CA GLU B 139 -7.97 -23.71 -11.40
C GLU B 139 -8.55 -23.71 -9.99
N LEU B 140 -8.03 -22.87 -9.09
CA LEU B 140 -8.41 -22.88 -7.70
C LEU B 140 -8.98 -21.53 -7.28
N SER B 141 -9.86 -21.58 -6.27
CA SER B 141 -10.41 -20.34 -5.68
C SER B 141 -9.37 -19.79 -4.71
N GLY B 142 -9.33 -18.47 -4.52
CA GLY B 142 -8.36 -17.84 -3.63
C GLY B 142 -8.32 -18.53 -2.28
N GLY B 143 -9.48 -18.89 -1.74
CA GLY B 143 -9.52 -19.64 -0.51
C GLY B 143 -8.92 -21.03 -0.64
N GLU B 144 -9.23 -21.72 -1.74
CA GLU B 144 -8.60 -23.02 -1.98
C GLU B 144 -7.10 -22.87 -2.14
N GLN B 145 -6.65 -21.78 -2.76
CA GLN B 145 -5.22 -21.56 -2.91
C GLN B 145 -4.54 -21.40 -1.56
N GLN B 146 -5.16 -20.66 -0.64
CA GLN B 146 -4.57 -20.50 0.68
C GLN B 146 -4.58 -21.82 1.45
N ARG B 147 -5.65 -22.62 1.28
CA ARG B 147 -5.69 -23.91 1.96
C ARG B 147 -4.60 -24.84 1.45
N ILE B 148 -4.29 -24.78 0.16
CA ILE B 148 -3.21 -25.59 -0.39
C ILE B 148 -1.86 -25.05 0.05
N ALA B 149 -1.74 -23.73 0.12
CA ALA B 149 -0.51 -23.13 0.65
C ALA B 149 -0.26 -23.59 2.08
N ILE B 150 -1.32 -23.67 2.89
CA ILE B 150 -1.17 -24.18 4.25
C ILE B 150 -0.82 -25.66 4.24
N ALA B 151 -1.39 -26.41 3.30
CA ALA B 151 -1.00 -27.81 3.15
C ALA B 151 0.49 -27.93 2.90
N ARG B 152 1.03 -27.09 2.01
CA ARG B 152 2.47 -27.08 1.76
CA ARG B 152 2.46 -27.07 1.76
C ARG B 152 3.24 -26.76 3.04
N ALA B 153 2.80 -25.74 3.78
CA ALA B 153 3.54 -25.29 4.94
C ALA B 153 3.67 -26.38 6.00
N ILE B 154 2.68 -27.27 6.10
CA ILE B 154 2.65 -28.27 7.16
C ILE B 154 3.04 -29.66 6.64
N VAL B 155 3.44 -29.77 5.38
CA VAL B 155 3.68 -31.08 4.80
C VAL B 155 4.77 -31.83 5.57
N ASN B 156 5.81 -31.12 5.99
CA ASN B 156 6.87 -31.73 6.78
C ASN B 156 6.48 -31.92 8.24
N ASN B 157 5.21 -31.72 8.58
CA ASN B 157 4.71 -31.93 9.94
C ASN B 157 5.49 -31.09 10.93
N PRO B 158 5.62 -29.79 10.72
CA PRO B 158 6.40 -28.96 11.64
C PRO B 158 5.71 -28.84 13.00
N LYS B 159 6.54 -28.68 14.04
CA LYS B 159 6.00 -28.44 15.37
C LYS B 159 5.38 -27.05 15.48
N VAL B 160 5.96 -26.07 14.80
CA VAL B 160 5.51 -24.69 14.85
C VAL B 160 5.04 -24.28 13.46
N LEU B 161 3.89 -23.59 13.41
CA LEU B 161 3.39 -22.98 12.20
C LEU B 161 3.20 -21.49 12.45
N ILE B 162 3.94 -20.67 11.71
CA ILE B 162 3.84 -19.22 11.80
C ILE B 162 3.01 -18.73 10.62
N ALA B 163 2.17 -17.71 10.85
CA ALA B 163 1.30 -17.17 9.82
C ALA B 163 1.21 -15.66 10.00
N ASP B 164 1.57 -14.91 8.97
CA ASP B 164 1.49 -13.45 8.98
C ASP B 164 0.22 -13.05 8.25
N GLU B 165 -0.82 -12.74 9.02
CA GLU B 165 -2.11 -12.35 8.47
C GLU B 165 -2.59 -13.35 7.41
N PRO B 166 -2.74 -14.62 7.77
CA PRO B 166 -3.09 -15.64 6.76
C PRO B 166 -4.45 -15.41 6.13
N THR B 167 -5.31 -14.57 6.71
CA THR B 167 -6.62 -14.29 6.17
C THR B 167 -6.75 -12.86 5.65
N GLY B 168 -5.63 -12.15 5.48
CA GLY B 168 -5.70 -10.75 5.10
C GLY B 168 -6.20 -10.53 3.69
N ASN B 169 -6.03 -11.52 2.81
CA ASN B 169 -6.44 -11.38 1.42
C ASN B 169 -7.69 -12.20 1.09
N LEU B 170 -8.34 -12.77 2.10
CA LEU B 170 -9.54 -13.58 1.89
C LEU B 170 -10.76 -12.86 2.44
N ASP B 171 -11.93 -13.19 1.89
CA ASP B 171 -13.17 -12.60 2.35
C ASP B 171 -13.55 -13.21 3.70
N PRO B 172 -14.64 -12.73 4.33
CA PRO B 172 -15.03 -13.27 5.64
C PRO B 172 -15.09 -14.78 5.71
N ASP B 173 -15.88 -15.40 4.81
CA ASP B 173 -16.15 -16.82 4.93
C ASP B 173 -14.91 -17.65 4.59
N ASN B 174 -14.19 -17.29 3.52
CA ASN B 174 -12.91 -17.95 3.26
C ASN B 174 -11.98 -17.82 4.46
N SER B 175 -11.99 -16.65 5.11
CA SER B 175 -11.17 -16.47 6.31
C SER B 175 -11.58 -17.43 7.41
N TRP B 176 -12.89 -17.65 7.59
CA TRP B 176 -13.34 -18.60 8.58
C TRP B 176 -12.88 -20.01 8.24
N GLU B 177 -12.96 -20.38 6.97
CA GLU B 177 -12.44 -21.67 6.52
C GLU B 177 -10.97 -21.82 6.87
N ILE B 178 -10.18 -20.78 6.64
CA ILE B 178 -8.75 -20.84 6.93
C ILE B 178 -8.50 -20.96 8.42
N MET B 179 -9.29 -20.24 9.23
CA MET B 179 -9.14 -20.34 10.68
C MET B 179 -9.54 -21.73 11.18
N ASN B 180 -10.59 -22.31 10.60
CA ASN B 180 -10.99 -23.66 10.99
C ASN B 180 -9.90 -24.67 10.68
N LEU B 181 -9.25 -24.53 9.52
CA LEU B 181 -8.13 -25.42 9.20
C LEU B 181 -6.98 -25.21 10.18
N LEU B 182 -6.71 -23.96 10.54
CA LEU B 182 -5.61 -23.69 11.50
C LEU B 182 -5.94 -24.29 12.86
N GLU B 183 -7.20 -24.35 13.24
CA GLU B 183 -7.53 -24.90 14.57
C GLU B 183 -7.41 -26.42 14.55
N ARG B 184 -7.74 -27.04 13.42
CA ARG B 184 -7.63 -28.51 13.28
C ARG B 184 -6.16 -28.86 13.30
N ILE B 185 -5.33 -28.04 12.70
CA ILE B 185 -3.88 -28.31 12.72
C ILE B 185 -3.43 -28.14 14.16
N ASN B 186 -3.85 -27.07 14.80
CA ASN B 186 -3.49 -26.82 16.21
C ASN B 186 -4.01 -27.97 17.08
N LEU B 187 -5.19 -28.51 16.79
CA LEU B 187 -5.74 -29.66 17.55
C LEU B 187 -4.85 -30.91 17.42
N GLN B 188 -4.10 -31.08 16.34
CA GLN B 188 -3.20 -32.22 16.15
C GLN B 188 -1.92 -32.03 16.94
N GLY B 189 -1.63 -30.83 17.41
CA GLY B 189 -0.43 -30.64 18.25
C GLY B 189 0.44 -29.54 17.77
N THR B 190 0.27 -29.09 16.54
CA THR B 190 1.11 -27.99 16.08
C THR B 190 0.90 -26.69 16.86
N THR B 191 2.02 -26.07 17.27
CA THR B 191 1.99 -24.73 17.87
C THR B 191 1.84 -23.69 16.77
N ILE B 192 0.85 -22.81 16.92
CA ILE B 192 0.49 -21.84 15.89
C ILE B 192 0.60 -20.44 16.47
N LEU B 193 1.41 -19.61 15.85
CA LEU B 193 1.44 -18.17 16.09
C LEU B 193 1.08 -17.47 14.80
N MET B 194 0.15 -16.53 14.86
CA MET B 194 -0.31 -15.83 13.67
C MET B 194 -0.61 -14.38 14.02
N ALA B 195 0.08 -13.46 13.37
CA ALA B 195 -0.24 -12.04 13.49
C ALA B 195 -1.45 -11.72 12.63
N THR B 196 -2.39 -10.97 13.19
CA THR B 196 -3.64 -10.70 12.49
C THR B 196 -4.18 -9.34 12.87
N HIS B 197 -4.84 -8.69 11.92
CA HIS B 197 -5.58 -7.46 12.14
C HIS B 197 -7.08 -7.70 12.23
N ASN B 198 -7.53 -8.95 12.11
CA ASN B 198 -8.94 -9.29 12.04
C ASN B 198 -9.50 -9.39 13.46
N SER B 199 -10.27 -8.39 13.87
CA SER B 199 -10.76 -8.34 15.24
C SER B 199 -11.85 -9.39 15.48
N GLN B 200 -12.70 -9.63 14.48
CA GLN B 200 -13.80 -10.58 14.68
C GLN B 200 -13.28 -12.00 14.86
N ILE B 201 -12.18 -12.34 14.17
CA ILE B 201 -11.60 -13.67 14.34
C ILE B 201 -11.03 -13.82 15.75
N VAL B 202 -10.26 -12.83 16.20
CA VAL B 202 -9.65 -12.90 17.53
C VAL B 202 -10.72 -12.96 18.61
N ASN B 203 -11.81 -12.22 18.44
CA ASN B 203 -12.86 -12.16 19.44
C ASN B 203 -13.81 -13.35 19.36
N THR B 204 -13.85 -14.06 18.23
CA THR B 204 -14.74 -15.20 18.10
C THR B 204 -14.04 -16.52 18.41
N LEU B 205 -12.89 -16.78 17.79
CA LEU B 205 -12.12 -17.98 18.06
C LEU B 205 -11.08 -17.60 19.13
N ARG B 206 -11.53 -17.57 20.38
CA ARG B 206 -10.70 -17.08 21.48
C ARG B 206 -9.46 -17.95 21.66
N HIS B 207 -8.29 -17.34 21.55
CA HIS B 207 -7.02 -17.99 21.81
C HIS B 207 -6.14 -17.02 22.59
N ARG B 208 -4.90 -17.44 22.86
CA ARG B 208 -3.96 -16.56 23.51
C ARG B 208 -3.69 -15.34 22.64
N VAL B 209 -3.68 -14.16 23.27
CA VAL B 209 -3.42 -12.91 22.59
C VAL B 209 -2.14 -12.31 23.13
N ILE B 210 -1.24 -11.93 22.22
CA ILE B 210 -0.02 -11.21 22.55
C ILE B 210 -0.11 -9.87 21.83
N ALA B 211 -0.43 -8.82 22.57
CA ALA B 211 -0.58 -7.49 22.01
C ALA B 211 0.74 -6.74 22.11
N ILE B 212 1.17 -6.15 20.99
CA ILE B 212 2.43 -5.42 20.92
C ILE B 212 2.15 -3.96 20.58
N GLU B 213 2.90 -3.06 21.21
CA GLU B 213 2.82 -1.64 20.91
C GLU B 213 4.20 -1.04 21.04
N ASN B 214 4.64 -0.36 19.98
CA ASN B 214 5.98 0.26 19.94
C ASN B 214 7.05 -0.72 20.38
N GLY B 215 6.95 -1.96 19.89
CA GLY B 215 7.99 -2.95 20.12
C GLY B 215 8.01 -3.56 21.50
N ARG B 216 6.94 -3.43 22.27
CA ARG B 216 6.85 -4.03 23.60
C ARG B 216 5.57 -4.83 23.73
N VAL B 217 5.62 -5.88 24.54
CA VAL B 217 4.44 -6.67 24.86
C VAL B 217 3.67 -5.92 25.94
N VAL B 218 2.49 -5.41 25.58
CA VAL B 218 1.66 -4.68 26.53
C VAL B 218 0.55 -5.55 27.13
N ARG B 219 0.24 -6.69 26.49
CA ARG B 219 -0.83 -7.56 26.95
C ARG B 219 -0.51 -8.99 26.54
N ASP B 220 -0.85 -9.94 27.42
CA ASP B 220 -0.55 -11.35 27.19
C ASP B 220 -1.53 -12.16 28.04
N GLU B 221 -2.65 -12.56 27.45
CA GLU B 221 -3.73 -13.17 28.21
C GLU B 221 -4.32 -14.34 27.46
N SER B 222 -4.93 -15.25 28.23
CA SER B 222 -5.65 -16.38 27.69
C SER B 222 -6.98 -15.92 27.10
N LYS B 223 -7.37 -16.55 25.98
CA LYS B 223 -8.65 -16.30 25.34
C LYS B 223 -9.00 -14.81 25.33
N GLY B 224 -7.99 -13.97 25.11
CA GLY B 224 -8.18 -12.54 25.24
C GLY B 224 -8.91 -11.90 24.08
N GLU B 225 -9.28 -10.64 24.28
CA GLU B 225 -9.96 -9.86 23.27
C GLU B 225 -8.95 -9.29 22.27
N TYR B 226 -9.45 -8.87 21.11
CA TYR B 226 -8.59 -8.19 20.15
C TYR B 226 -8.14 -6.84 20.69
N GLY B 227 -9.09 -5.98 21.04
CA GLY B 227 -8.79 -4.77 21.79
C GLY B 227 -8.22 -3.62 21.00
N TYR B 228 -8.56 -3.49 19.72
CA TYR B 228 -8.05 -2.38 18.92
C TYR B 228 -9.15 -1.87 18.00
N ASP B 229 -9.06 -0.57 17.71
CA ASP B 229 -10.10 0.21 17.01
C ASP B 229 -11.50 -0.39 17.14
N GLY C 1 30.95 30.97 5.07
CA GLY C 1 29.72 31.37 4.41
C GLY C 1 28.50 30.74 5.04
N SER C 2 27.52 31.57 5.38
CA SER C 2 26.30 31.10 6.04
C SER C 2 25.33 30.50 5.03
N ILE C 3 24.66 29.42 5.43
CA ILE C 3 23.58 28.86 4.63
C ILE C 3 22.28 29.62 4.84
N ILE C 4 22.07 30.16 6.04
CA ILE C 4 20.95 31.04 6.37
C ILE C 4 21.49 32.25 7.11
N GLU C 5 21.20 33.43 6.61
CA GLU C 5 21.50 34.68 7.32
C GLU C 5 20.25 35.52 7.36
N MET C 6 19.67 35.65 8.54
CA MET C 6 18.50 36.49 8.79
C MET C 6 18.95 37.66 9.67
N ARG C 7 18.62 38.88 9.24
CA ARG C 7 19.09 40.08 9.95
C ARG C 7 17.95 41.09 10.04
N ASP C 8 17.58 41.42 11.27
CA ASP C 8 16.61 42.49 11.55
C ASP C 8 15.24 42.16 10.96
N VAL C 9 14.93 40.88 10.81
CA VAL C 9 13.69 40.48 10.15
C VAL C 9 12.50 40.88 11.01
N VAL C 10 11.56 41.60 10.41
CA VAL C 10 10.31 41.99 11.06
C VAL C 10 9.15 41.39 10.26
N LYS C 11 8.17 40.85 10.98
CA LYS C 11 6.99 40.27 10.35
C LYS C 11 5.76 40.64 11.17
N LYS C 12 4.91 41.50 10.62
CA LYS C 12 3.62 41.83 11.19
C LYS C 12 2.53 41.32 10.26
N TYR C 13 1.54 40.63 10.82
CA TYR C 13 0.47 40.07 10.00
C TYR C 13 -0.54 41.16 9.65
N ASP C 14 -1.58 40.77 8.89
CA ASP C 14 -2.52 41.74 8.37
C ASP C 14 -3.45 42.28 9.46
N ASN C 15 -3.75 41.46 10.47
CA ASN C 15 -4.58 41.94 11.58
C ASN C 15 -3.85 42.90 12.51
N GLY C 16 -2.57 43.16 12.27
CA GLY C 16 -1.78 44.05 13.08
C GLY C 16 -0.81 43.36 14.02
N THR C 17 -1.01 42.08 14.30
CA THR C 17 -0.11 41.35 15.19
C THR C 17 1.29 41.32 14.60
N THR C 18 2.27 41.72 15.41
CA THR C 18 3.68 41.65 15.02
C THR C 18 4.27 40.38 15.63
N ALA C 19 4.59 39.42 14.79
CA ALA C 19 5.05 38.11 15.23
C ALA C 19 6.56 38.03 15.40
N LEU C 20 7.31 38.64 14.49
CA LEU C 20 8.77 38.70 14.56
C LEU C 20 9.19 40.16 14.67
N ARG C 21 9.77 40.51 15.81
CA ARG C 21 10.07 41.92 16.11
C ARG C 21 11.55 42.21 15.98
N GLY C 22 12.16 41.84 14.86
CA GLY C 22 13.57 42.06 14.65
C GLY C 22 14.41 40.86 15.05
N VAL C 23 14.35 39.81 14.25
CA VAL C 23 15.13 38.58 14.48
C VAL C 23 16.32 38.59 13.54
N SER C 24 17.50 38.34 14.10
CA SER C 24 18.71 38.11 13.32
C SER C 24 19.33 36.80 13.79
N VAL C 25 19.58 35.90 12.85
CA VAL C 25 20.19 34.61 13.17
C VAL C 25 21.06 34.20 11.99
N SER C 26 22.22 33.62 12.30
CA SER C 26 23.15 33.13 11.30
C SER C 26 23.37 31.64 11.52
N VAL C 27 23.25 30.86 10.46
CA VAL C 27 23.44 29.42 10.51
C VAL C 27 24.45 29.02 9.45
N GLN C 28 25.36 28.13 9.81
CA GLN C 28 26.36 27.63 8.89
C GLN C 28 25.93 26.27 8.33
N PRO C 29 26.48 25.89 7.18
CA PRO C 29 26.15 24.57 6.63
C PRO C 29 26.51 23.45 7.61
N GLY C 30 25.55 22.56 7.84
CA GLY C 30 25.75 21.41 8.71
C GLY C 30 25.23 21.57 10.12
N GLU C 31 24.82 22.78 10.51
CA GLU C 31 24.36 23.01 11.86
C GLU C 31 23.03 22.31 12.12
N PHE C 32 22.79 21.99 13.39
CA PHE C 32 21.51 21.47 13.87
C PHE C 32 21.05 22.39 14.99
N ALA C 33 19.91 23.05 14.79
CA ALA C 33 19.43 24.07 15.72
C ALA C 33 17.97 23.84 16.05
N TYR C 34 17.65 23.79 17.34
CA TYR C 34 16.28 23.84 17.79
C TYR C 34 15.81 25.29 17.86
N ILE C 35 14.55 25.51 17.50
CA ILE C 35 13.89 26.79 17.71
C ILE C 35 12.85 26.59 18.80
N VAL C 36 13.06 27.22 19.95
CA VAL C 36 12.23 27.01 21.14
C VAL C 36 11.68 28.33 21.63
N GLY C 37 10.61 28.25 22.41
CA GLY C 37 9.96 29.42 22.95
C GLY C 37 8.50 29.17 23.26
N PRO C 38 7.95 29.97 24.17
CA PRO C 38 6.53 29.79 24.54
C PRO C 38 5.62 29.98 23.34
N SER C 39 4.36 29.57 23.52
CA SER C 39 3.38 29.75 22.46
C SER C 39 3.27 31.21 22.07
N GLY C 40 3.11 31.46 20.77
CA GLY C 40 3.04 32.81 20.28
C GLY C 40 4.35 33.55 20.24
N ALA C 41 5.47 32.89 20.56
CA ALA C 41 6.76 33.55 20.47
C ALA C 41 7.12 33.92 19.04
N GLY C 42 6.57 33.20 18.08
CA GLY C 42 6.87 33.40 16.67
C GLY C 42 7.67 32.30 16.01
N LYS C 43 7.67 31.09 16.56
CA LYS C 43 8.47 30.01 15.99
C LYS C 43 7.96 29.63 14.59
N SER C 44 6.66 29.40 14.46
CA SER C 44 6.10 28.99 13.17
C SER C 44 6.35 30.05 12.10
N THR C 45 6.21 31.33 12.46
CA THR C 45 6.48 32.40 11.50
C THR C 45 7.94 32.36 11.04
N PHE C 46 8.86 32.23 12.00
CA PHE C 46 10.27 32.08 11.67
C PHE C 46 10.49 30.94 10.69
N ILE C 47 10.01 29.75 11.03
CA ILE C 47 10.18 28.58 10.16
C ILE C 47 9.56 28.84 8.79
N ARG C 48 8.32 29.30 8.77
CA ARG C 48 7.62 29.56 7.50
C ARG C 48 8.36 30.60 6.69
N SER C 49 9.16 31.43 7.32
CA SER C 49 9.87 32.45 6.52
C SER C 49 11.10 31.87 5.83
N LEU C 50 11.58 30.72 6.26
CA LEU C 50 12.84 30.21 5.69
C LEU C 50 12.58 29.65 4.30
N TYR C 51 11.38 29.17 4.08
CA TYR C 51 11.04 28.68 2.75
C TYR C 51 9.98 29.54 2.07
N ARG C 52 9.96 30.82 2.42
CA ARG C 52 9.11 31.86 1.79
C ARG C 52 7.63 31.55 1.90
N GLU C 53 7.21 30.74 2.85
CA GLU C 53 5.76 30.56 2.98
C GLU C 53 5.16 31.91 3.41
N VAL C 54 5.82 32.64 4.29
CA VAL C 54 5.46 33.99 4.71
C VAL C 54 6.51 34.95 4.18
N LYS C 55 6.06 36.14 3.80
CA LYS C 55 6.94 37.19 3.30
C LYS C 55 7.32 38.10 4.46
N ILE C 56 8.61 38.41 4.57
CA ILE C 56 9.08 39.29 5.63
C ILE C 56 8.83 40.72 5.22
N ASP C 57 8.15 41.47 6.09
CA ASP C 57 8.00 42.90 5.84
C ASP C 57 9.36 43.61 5.79
N LYS C 58 10.35 43.14 6.54
CA LYS C 58 11.57 43.91 6.68
C LYS C 58 12.73 43.07 7.20
N GLY C 59 13.90 43.67 7.10
CA GLY C 59 15.16 43.02 7.35
C GLY C 59 15.71 42.44 6.07
N SER C 60 16.63 41.50 6.27
CA SER C 60 17.22 40.74 5.18
C SER C 60 17.16 39.26 5.54
N LEU C 61 17.04 38.44 4.50
CA LEU C 61 16.93 36.99 4.69
C LEU C 61 17.42 36.29 3.44
N SER C 62 18.54 35.57 3.56
CA SER C 62 19.07 34.76 2.48
C SER C 62 19.14 33.31 2.94
N VAL C 63 18.77 32.39 2.04
CA VAL C 63 18.67 30.98 2.36
C VAL C 63 19.26 30.19 1.19
N ALA C 64 20.38 29.51 1.44
CA ALA C 64 21.01 28.66 0.43
C ALA C 64 21.25 29.42 -0.87
N GLY C 65 21.73 30.66 -0.75
CA GLY C 65 22.05 31.48 -1.90
C GLY C 65 20.89 32.24 -2.50
N PHE C 66 19.69 32.13 -1.94
CA PHE C 66 18.52 32.84 -2.43
C PHE C 66 18.19 34.01 -1.50
N ASN C 67 17.97 35.18 -2.08
CA ASN C 67 17.49 36.33 -1.33
C ASN C 67 15.97 36.25 -1.28
N LEU C 68 15.44 35.97 -0.09
CA LEU C 68 14.02 35.69 0.06
C LEU C 68 13.15 36.95 0.09
N VAL C 69 13.75 38.14 0.12
CA VAL C 69 12.97 39.35 -0.12
C VAL C 69 12.91 39.68 -1.61
N LYS C 70 13.93 39.30 -2.36
CA LYS C 70 14.01 39.57 -3.79
C LYS C 70 13.34 38.50 -4.64
N ILE C 71 13.21 37.27 -4.12
CA ILE C 71 12.75 36.17 -4.96
C ILE C 71 11.34 36.40 -5.44
N LYS C 72 11.12 36.22 -6.74
CA LYS C 72 9.77 36.19 -7.28
C LYS C 72 9.12 34.84 -7.00
N LYS C 73 7.80 34.86 -6.81
CA LYS C 73 7.09 33.61 -6.55
C LYS C 73 7.32 32.60 -7.66
N LYS C 74 7.59 33.08 -8.88
CA LYS C 74 7.92 32.18 -9.98
C LYS C 74 9.03 31.22 -9.62
N ASP C 75 9.95 31.64 -8.75
CA ASP C 75 11.14 30.85 -8.42
C ASP C 75 11.06 30.14 -7.07
N VAL C 76 9.97 30.34 -6.31
CA VAL C 76 9.85 29.67 -5.02
C VAL C 76 10.01 28.17 -5.14
N PRO C 77 9.42 27.50 -6.15
CA PRO C 77 9.70 26.06 -6.32
C PRO C 77 11.18 25.75 -6.41
N LEU C 78 11.94 26.56 -7.16
CA LEU C 78 13.39 26.41 -7.20
C LEU C 78 13.98 26.39 -5.80
N LEU C 79 13.60 27.38 -4.98
CA LEU C 79 14.08 27.41 -3.60
C LEU C 79 13.57 26.20 -2.82
N ARG C 80 12.33 25.78 -3.07
CA ARG C 80 11.78 24.62 -2.38
C ARG C 80 12.57 23.36 -2.66
N ARG C 81 13.40 23.35 -3.71
CA ARG C 81 14.27 22.21 -3.98
C ARG C 81 15.58 22.26 -3.21
N SER C 82 16.00 23.45 -2.78
CA SER C 82 17.14 23.58 -1.89
C SER C 82 16.75 23.47 -0.42
N VAL C 83 15.46 23.56 -0.11
CA VAL C 83 14.97 23.61 1.26
C VAL C 83 13.82 22.63 1.39
N GLY C 84 14.03 21.53 2.12
CA GLY C 84 12.96 20.62 2.46
C GLY C 84 12.24 21.06 3.72
N VAL C 85 10.95 20.72 3.81
CA VAL C 85 10.09 21.16 4.90
C VAL C 85 9.36 19.96 5.48
N VAL C 86 9.40 19.83 6.80
CA VAL C 86 8.68 18.80 7.52
C VAL C 86 7.65 19.46 8.42
N PHE C 87 6.43 18.91 8.43
CA PHE C 87 5.32 19.49 9.16
C PHE C 87 4.92 18.59 10.33
N GLN C 88 4.21 19.18 11.29
CA GLN C 88 3.80 18.45 12.47
C GLN C 88 2.72 17.41 12.16
N ASP C 89 1.79 17.76 11.28
CA ASP C 89 0.71 16.86 10.87
C ASP C 89 1.10 15.99 9.67
N TYR C 90 2.39 15.87 9.39
CA TYR C 90 2.91 15.06 8.29
C TYR C 90 2.57 15.68 6.93
N LYS C 91 1.30 15.92 6.68
CA LYS C 91 0.84 16.50 5.41
C LYS C 91 1.10 15.54 4.26
N LEU C 92 0.68 14.28 4.44
CA LEU C 92 0.72 13.29 3.38
C LEU C 92 -0.57 13.37 2.57
N LEU C 93 -0.44 13.27 1.27
CA LEU C 93 -1.62 13.20 0.42
C LEU C 93 -2.25 11.82 0.59
N PRO C 94 -3.41 11.71 1.24
CA PRO C 94 -3.89 10.37 1.66
C PRO C 94 -4.20 9.43 0.51
N LYS C 95 -4.62 9.94 -0.64
CA LYS C 95 -4.99 9.07 -1.75
C LYS C 95 -3.83 8.80 -2.70
N LYS C 96 -2.64 9.28 -2.39
CA LYS C 96 -1.42 8.89 -3.08
C LYS C 96 -0.74 7.76 -2.32
N THR C 97 0.02 6.95 -3.04
CA THR C 97 0.82 5.93 -2.40
C THR C 97 2.07 6.56 -1.78
N VAL C 98 2.83 5.73 -1.04
CA VAL C 98 4.12 6.17 -0.53
C VAL C 98 4.98 6.69 -1.67
N TYR C 99 5.14 5.88 -2.72
CA TYR C 99 5.94 6.29 -3.87
C TYR C 99 5.43 7.59 -4.46
N GLU C 100 4.11 7.67 -4.70
CA GLU C 100 3.54 8.87 -5.30
C GLU C 100 3.85 10.10 -4.46
N ASN C 101 3.69 9.99 -3.13
CA ASN C 101 3.88 11.14 -2.26
C ASN C 101 5.30 11.70 -2.38
N ILE C 102 6.30 10.82 -2.45
CA ILE C 102 7.68 11.27 -2.47
C ILE C 102 8.08 11.74 -3.86
N ALA C 103 7.79 10.93 -4.89
CA ALA C 103 8.10 11.31 -6.25
C ALA C 103 7.43 12.62 -6.65
N TYR C 104 6.31 12.97 -6.01
CA TYR C 104 5.65 14.24 -6.31
C TYR C 104 6.57 15.43 -6.04
N ALA C 105 7.36 15.36 -4.96
CA ALA C 105 8.31 16.41 -4.65
C ALA C 105 9.44 16.52 -5.66
N MET C 106 9.57 15.55 -6.56
CA MET C 106 10.58 15.59 -7.61
C MET C 106 9.97 16.09 -8.92
N ASN C 112 12.89 12.80 -14.37
CA ASN C 112 12.48 11.76 -15.32
C ASN C 112 12.24 10.43 -14.61
N ARG C 113 11.14 9.78 -14.99
CA ARG C 113 10.58 8.69 -14.19
C ARG C 113 11.64 7.69 -13.77
N ARG C 114 12.42 7.18 -14.73
CA ARG C 114 13.23 6.00 -14.46
C ARG C 114 14.29 6.23 -13.39
N ASN C 115 14.81 7.45 -13.26
CA ASN C 115 15.75 7.71 -12.18
C ASN C 115 15.11 8.45 -11.03
N ILE C 116 13.92 9.04 -11.22
CA ILE C 116 13.09 9.41 -10.08
C ILE C 116 12.81 8.18 -9.23
N LYS C 117 12.59 7.05 -9.92
CA LYS C 117 12.33 5.76 -9.25
C LYS C 117 13.55 5.40 -8.39
N ARG C 118 14.75 5.60 -8.95
CA ARG C 118 16.02 5.29 -8.24
C ARG C 118 16.15 6.17 -6.98
N ARG C 119 15.83 7.46 -7.09
CA ARG C 119 15.94 8.37 -5.95
C ARG C 119 14.89 8.05 -4.89
N VAL C 120 13.68 7.68 -5.31
CA VAL C 120 12.63 7.32 -4.36
C VAL C 120 13.09 6.15 -3.51
N MET C 121 13.59 5.08 -4.16
CA MET C 121 14.11 3.95 -3.42
C MET C 121 15.28 4.37 -2.54
N GLU C 122 16.10 5.31 -3.02
CA GLU C 122 17.21 5.83 -2.24
C GLU C 122 16.73 6.34 -0.88
N VAL C 123 15.84 7.34 -0.90
CA VAL C 123 15.40 7.96 0.34
C VAL C 123 14.57 7.01 1.18
N LEU C 124 13.82 6.10 0.54
CA LEU C 124 13.08 5.11 1.31
C LEU C 124 14.03 4.19 2.07
N ASP C 125 15.19 3.88 1.47
CA ASP C 125 16.18 3.07 2.18
C ASP C 125 16.80 3.84 3.33
N LEU C 126 17.01 5.15 3.16
CA LEU C 126 17.54 5.94 4.27
C LEU C 126 16.61 5.90 5.47
N VAL C 127 15.30 5.99 5.22
CA VAL C 127 14.31 5.96 6.31
C VAL C 127 13.84 4.54 6.61
N GLY C 128 14.38 3.54 5.95
CA GLY C 128 14.03 2.16 6.25
C GLY C 128 12.57 1.83 6.01
N LEU C 129 12.03 2.24 4.86
CA LEU C 129 10.64 1.95 4.53
C LEU C 129 10.49 1.56 3.07
N LYS C 130 11.55 1.04 2.45
CA LYS C 130 11.44 0.61 1.06
C LYS C 130 10.32 -0.40 0.86
N HIS C 131 10.06 -1.24 1.88
CA HIS C 131 9.00 -2.23 1.82
C HIS C 131 7.60 -1.62 1.88
N LYS C 132 7.49 -0.31 2.07
CA LYS C 132 6.21 0.39 2.07
C LYS C 132 6.03 1.28 0.85
N VAL C 133 6.85 1.08 -0.19
CA VAL C 133 6.88 2.00 -1.33
C VAL C 133 5.50 2.16 -1.96
N ARG C 134 4.70 1.09 -1.98
CA ARG C 134 3.39 1.11 -2.62
C ARG C 134 2.24 1.12 -1.62
N SER C 135 2.53 1.31 -0.34
CA SER C 135 1.48 1.39 0.66
C SER C 135 0.86 2.80 0.68
N PHE C 136 -0.29 2.91 1.33
CA PHE C 136 -0.96 4.19 1.45
C PHE C 136 -0.83 4.75 2.86
N PRO C 137 -0.87 6.07 3.01
CA PRO C 137 -0.55 6.67 4.32
C PRO C 137 -1.26 6.05 5.52
N ASN C 138 -2.57 5.87 5.45
CA ASN C 138 -3.28 5.34 6.61
C ASN C 138 -2.95 3.89 6.88
N GLU C 139 -2.27 3.21 5.95
CA GLU C 139 -1.68 1.90 6.22
C GLU C 139 -0.45 1.97 7.11
N LEU C 140 -0.01 3.17 7.48
CA LEU C 140 1.22 3.35 8.22
C LEU C 140 0.97 4.04 9.55
N SER C 141 1.89 3.79 10.49
CA SER C 141 1.83 4.47 11.78
C SER C 141 1.97 5.98 11.59
N GLY C 142 1.83 6.69 12.71
CA GLY C 142 2.20 8.09 12.71
C GLY C 142 3.69 8.27 12.49
N GLY C 143 4.49 7.46 13.17
CA GLY C 143 5.94 7.54 12.97
C GLY C 143 6.36 7.18 11.56
N GLU C 144 5.77 6.12 11.01
CA GLU C 144 6.09 5.74 9.64
C GLU C 144 5.67 6.83 8.65
N GLN C 145 4.51 7.45 8.90
CA GLN C 145 4.07 8.55 8.04
C GLN C 145 5.06 9.70 8.08
N GLN C 146 5.53 10.07 9.27
CA GLN C 146 6.48 11.16 9.40
C GLN C 146 7.80 10.82 8.73
N ARG C 147 8.22 9.56 8.80
CA ARG C 147 9.45 9.14 8.15
C ARG C 147 9.31 9.20 6.63
N ILE C 148 8.14 8.85 6.11
CA ILE C 148 7.87 9.02 4.68
C ILE C 148 7.89 10.50 4.32
N ALA C 149 7.36 11.34 5.20
CA ALA C 149 7.36 12.78 4.95
C ALA C 149 8.79 13.33 4.93
N ILE C 150 9.65 12.82 5.82
CA ILE C 150 11.04 13.24 5.80
C ILE C 150 11.73 12.77 4.52
N ALA C 151 11.43 11.56 4.08
CA ALA C 151 11.95 11.08 2.80
C ALA C 151 11.58 12.04 1.67
N ARG C 152 10.30 12.46 1.63
CA ARG C 152 9.89 13.45 0.64
C ARG C 152 10.66 14.75 0.80
N ALA C 153 10.84 15.21 2.04
CA ALA C 153 11.51 16.49 2.27
C ALA C 153 12.94 16.49 1.76
N ILE C 154 13.57 15.31 1.69
CA ILE C 154 14.99 15.21 1.33
C ILE C 154 15.20 14.58 -0.04
N VAL C 155 14.12 14.22 -0.75
CA VAL C 155 14.28 13.52 -2.02
C VAL C 155 15.11 14.34 -3.00
N ASN C 156 14.98 15.66 -2.96
CA ASN C 156 15.78 16.54 -3.81
C ASN C 156 17.16 16.81 -3.23
N ASN C 157 17.55 16.09 -2.19
CA ASN C 157 18.84 16.28 -1.52
C ASN C 157 19.06 17.76 -1.18
N PRO C 158 18.17 18.36 -0.39
CA PRO C 158 18.33 19.77 -0.07
C PRO C 158 19.46 20.00 0.93
N LYS C 159 20.13 21.14 0.79
CA LYS C 159 21.23 21.45 1.75
C LYS C 159 20.62 21.83 3.10
N VAL C 160 19.32 22.20 3.12
CA VAL C 160 18.68 22.66 4.35
C VAL C 160 17.35 21.93 4.50
N LEU C 161 17.08 21.45 5.71
CA LEU C 161 15.79 20.88 6.06
C LEU C 161 15.27 21.61 7.30
N ILE C 162 14.08 22.16 7.19
CA ILE C 162 13.44 22.86 8.31
C ILE C 162 12.17 22.10 8.67
N ALA C 163 11.87 22.06 9.96
CA ALA C 163 10.75 21.27 10.47
C ALA C 163 10.07 22.02 11.61
N ASP C 164 8.73 22.04 11.56
CA ASP C 164 7.92 22.73 12.56
C ASP C 164 7.28 21.69 13.46
N GLU C 165 7.90 21.44 14.62
CA GLU C 165 7.40 20.48 15.59
C GLU C 165 7.24 19.11 14.95
N PRO C 166 8.31 18.54 14.38
CA PRO C 166 8.16 17.26 13.66
C PRO C 166 7.70 16.10 14.52
N THR C 167 7.84 16.19 15.84
CA THR C 167 7.41 15.11 16.74
C THR C 167 6.18 15.49 17.56
N GLY C 168 5.57 16.64 17.28
CA GLY C 168 4.45 17.10 18.09
C GLY C 168 3.27 16.16 18.08
N ASN C 169 3.04 15.47 16.96
CA ASN C 169 1.93 14.54 16.82
C ASN C 169 2.35 13.09 17.02
N LEU C 170 3.54 12.85 17.55
CA LEU C 170 4.06 11.50 17.74
C LEU C 170 4.24 11.21 19.23
N ASP C 171 4.09 9.94 19.59
CA ASP C 171 4.30 9.52 20.95
C ASP C 171 5.80 9.45 21.24
N PRO C 172 6.17 9.26 22.51
CA PRO C 172 7.61 9.32 22.87
C PRO C 172 8.50 8.45 22.00
N ASP C 173 8.18 7.17 21.85
CA ASP C 173 9.05 6.27 21.09
C ASP C 173 9.22 6.75 19.65
N ASN C 174 8.12 7.06 18.97
CA ASN C 174 8.22 7.47 17.57
C ASN C 174 8.93 8.81 17.43
N SER C 175 8.74 9.73 18.37
CA SER C 175 9.43 11.01 18.31
C SER C 175 10.94 10.81 18.42
N TRP C 176 11.37 9.90 19.29
CA TRP C 176 12.80 9.58 19.37
C TRP C 176 13.31 8.98 18.07
N GLU C 177 12.49 8.13 17.43
CA GLU C 177 12.87 7.59 16.14
C GLU C 177 13.05 8.70 15.11
N ILE C 178 12.10 9.64 15.06
CA ILE C 178 12.20 10.74 14.11
C ILE C 178 13.45 11.56 14.39
N MET C 179 13.73 11.83 15.66
CA MET C 179 14.94 12.59 16.00
C MET C 179 16.20 11.86 15.53
N ASN C 180 16.24 10.54 15.70
CA ASN C 180 17.38 9.77 15.22
C ASN C 180 17.55 9.92 13.72
N LEU C 181 16.44 9.84 12.97
CA LEU C 181 16.52 10.03 11.52
C LEU C 181 17.03 11.44 11.18
N LEU C 182 16.52 12.45 11.87
CA LEU C 182 16.97 13.82 11.60
C LEU C 182 18.46 13.98 11.89
N GLU C 183 18.96 13.34 12.96
CA GLU C 183 20.37 13.44 13.28
C GLU C 183 21.23 12.72 12.25
N ARG C 184 20.76 11.57 11.76
CA ARG C 184 21.48 10.87 10.69
C ARG C 184 21.53 11.74 9.44
N ILE C 185 20.44 12.43 9.13
CA ILE C 185 20.42 13.31 7.96
C ILE C 185 21.37 14.49 8.16
N ASN C 186 21.35 15.09 9.36
CA ASN C 186 22.23 16.21 9.63
C ASN C 186 23.70 15.79 9.58
N LEU C 187 24.02 14.62 10.12
CA LEU C 187 25.40 14.16 10.13
C LEU C 187 25.94 13.99 8.72
N GLN C 188 25.08 13.68 7.75
CA GLN C 188 25.50 13.64 6.36
C GLN C 188 25.74 15.03 5.78
N GLY C 189 25.50 16.09 6.56
CA GLY C 189 25.83 17.44 6.16
C GLY C 189 24.66 18.38 5.97
N THR C 190 23.43 17.88 6.02
CA THR C 190 22.27 18.74 5.79
C THR C 190 22.04 19.63 7.01
N THR C 191 21.93 20.94 6.77
CA THR C 191 21.52 21.86 7.81
C THR C 191 20.08 21.56 8.22
N ILE C 192 19.82 21.59 9.52
CA ILE C 192 18.50 21.26 10.06
C ILE C 192 18.11 22.32 11.07
N LEU C 193 16.94 22.91 10.88
CA LEU C 193 16.30 23.80 11.83
C LEU C 193 14.93 23.23 12.16
N MET C 194 14.65 23.03 13.44
CA MET C 194 13.36 22.50 13.86
C MET C 194 12.87 23.22 15.10
N ALA C 195 11.67 23.79 15.02
CA ALA C 195 10.98 24.27 16.20
C ALA C 195 10.39 23.09 16.96
N THR C 196 10.32 23.23 18.27
CA THR C 196 9.85 22.11 19.09
C THR C 196 9.43 22.60 20.46
N HIS C 197 8.49 21.89 21.05
CA HIS C 197 8.10 22.08 22.45
C HIS C 197 8.57 20.93 23.33
N ASN C 198 9.19 19.91 22.75
CA ASN C 198 9.61 18.72 23.49
C ASN C 198 10.91 19.05 24.24
N SER C 199 10.80 19.29 25.55
CA SER C 199 11.97 19.67 26.33
C SER C 199 12.91 18.49 26.54
N GLN C 200 12.36 17.30 26.76
CA GLN C 200 13.21 16.12 26.95
C GLN C 200 14.13 15.92 25.76
N ILE C 201 13.67 16.24 24.56
CA ILE C 201 14.49 16.07 23.36
C ILE C 201 15.60 17.11 23.34
N VAL C 202 15.23 18.40 23.42
CA VAL C 202 16.23 19.46 23.39
C VAL C 202 17.28 19.24 24.48
N ASN C 203 16.84 18.80 25.66
CA ASN C 203 17.76 18.62 26.78
C ASN C 203 18.61 17.38 26.64
N THR C 204 18.13 16.36 25.92
CA THR C 204 18.87 15.12 25.75
C THR C 204 19.84 15.20 24.57
N LEU C 205 19.31 15.36 23.35
CA LEU C 205 20.12 15.48 22.14
C LEU C 205 20.55 16.94 22.01
N ARG C 206 21.68 17.26 22.63
CA ARG C 206 22.12 18.65 22.73
C ARG C 206 22.55 19.17 21.37
N HIS C 207 21.90 20.25 20.93
CA HIS C 207 22.25 20.96 19.70
C HIS C 207 22.16 22.45 20.00
N ARG C 208 22.34 23.27 18.96
CA ARG C 208 22.19 24.71 19.11
C ARG C 208 20.73 25.05 19.42
N VAL C 209 20.51 25.86 20.45
CA VAL C 209 19.18 26.27 20.87
C VAL C 209 19.01 27.75 20.61
N ILE C 210 18.05 28.10 19.77
CA ILE C 210 17.67 29.48 19.50
C ILE C 210 16.33 29.71 20.18
N ALA C 211 16.34 30.46 21.28
CA ALA C 211 15.13 30.74 22.04
C ALA C 211 14.49 32.03 21.52
N ILE C 212 13.19 31.99 21.30
CA ILE C 212 12.43 33.13 20.80
C ILE C 212 11.33 33.46 21.80
N GLU C 213 11.29 34.71 22.24
CA GLU C 213 10.24 35.20 23.13
C GLU C 213 9.67 36.48 22.54
N ASN C 214 8.34 36.53 22.41
CA ASN C 214 7.62 37.69 21.89
C ASN C 214 8.31 38.27 20.65
N GLY C 215 8.68 37.38 19.73
CA GLY C 215 9.16 37.79 18.43
C GLY C 215 10.62 38.17 18.35
N ARG C 216 11.43 37.81 19.35
CA ARG C 216 12.84 38.18 19.35
C ARG C 216 13.68 37.01 19.85
N VAL C 217 14.91 36.93 19.32
CA VAL C 217 15.87 35.95 19.81
C VAL C 217 16.40 36.41 21.16
N VAL C 218 16.11 35.63 22.21
CA VAL C 218 16.55 35.97 23.55
C VAL C 218 17.79 35.17 23.92
N ARG C 219 17.96 34.02 23.27
CA ARG C 219 19.08 33.15 23.60
C ARG C 219 19.48 32.34 22.37
N ASP C 220 20.79 32.08 22.25
CA ASP C 220 21.33 31.30 21.14
C ASP C 220 22.65 30.71 21.64
N GLU C 221 22.65 29.41 21.95
CA GLU C 221 23.83 28.79 22.52
C GLU C 221 24.05 27.41 21.92
N SER C 222 25.32 27.04 21.75
CA SER C 222 25.66 25.69 21.35
C SER C 222 25.21 24.72 22.43
N LYS C 223 24.86 23.50 22.00
CA LYS C 223 24.50 22.40 22.89
C LYS C 223 23.64 22.88 24.05
N GLY C 224 22.71 23.79 23.79
CA GLY C 224 22.00 24.47 24.85
C GLY C 224 20.88 23.65 25.46
N GLU C 225 20.38 24.16 26.59
CA GLU C 225 19.24 23.58 27.27
C GLU C 225 17.94 24.10 26.66
N TYR C 226 16.85 23.40 26.97
CA TYR C 226 15.54 23.86 26.50
C TYR C 226 15.19 25.20 27.13
N GLY C 227 15.36 25.32 28.44
CA GLY C 227 15.17 26.58 29.14
C GLY C 227 13.75 26.90 29.54
N TYR C 228 12.79 26.02 29.25
CA TYR C 228 11.40 26.29 29.60
C TYR C 228 10.73 25.07 30.20
#